data_5MJV
#
_entry.id   5MJV
#
_cell.length_a   399.500
_cell.length_b   399.500
_cell.length_c   332.860
_cell.angle_alpha   90.00
_cell.angle_beta   90.00
_cell.angle_gamma   120.00
#
_symmetry.space_group_name_H-M   'P 63 2 2'
#
loop_
_entity.id
_entity.type
_entity.pdbx_description
1 polymer 'CAPSID SUBUNIT VP1'
2 polymer 'CAPSID SUBUNIT VP3'
3 polymer 'CAPSID SUBUNIT VP0'
4 polymer "RNA (5'-R(*GP*UP*UP*UP*UP*U)-3')"
#
loop_
_entity_poly.entity_id
_entity_poly.type
_entity_poly.pdbx_seq_one_letter_code
_entity_poly.pdbx_strand_id
1 'polypeptide(L)'
;NSWGSQMDLTDPLCIEDDTENCKQTMSPNELGLTSAQDDGPLGQEKPNYFLNFRSMNVDIFTVSHTKVDNLFGRAWFFME
HTFTNEGQWRVPLEFPKQGHGSLSLLFAYFTGELNIHVLFLSERGFLRVAHTYDTSNDRVNFLSSNGVITVPAGEQMTLS
APYYSNKPLRTVRDNNSLGYLMCKPFLTGTSTGKIEVYLSLRCPNFFFPLPAPKVTSSRALRGDMANLTNQSPY
;
A
2 'polypeptide(L)'
;APNGKKKNWKKIMTMSTKYKWTRTKIDIAEGPGSMNMANVLCTTGAQSVALVGERAFYDPRTAGSKSRFDDLVKIAQLFS
VMADSTTPSENHGVDAKGYFKWSATTAPQSIVHRNIVYLRLFPNLNVFVNSYSYFRGSLVLRLSVYASTFNRGRLRMGFF
PNATTDSTSTLDNAIYTICDIGSDNSFEITIPYSFSTWMRKTNGHPIGLFQIEVLNRLTYNSSSPSEVYCIVQGKMGQDA
RFFCPTGSVVTFQ
;
B
3 'polypeptide(L)'
;METIKSIADMATGVVSSVDSTINAVNEKVESVGNEIGGNLLTKVADDASNILGPNCFATTAEPENKNVVQATTTVNTTNL
TQHPSAPTMPFSPDFSNVDNFHSMAYDITTGDKNPSKLVRLETHEWTPSWARGYQITHVELPKVFWDHQDKPAYGQSRYF
AAVRCGFHFQVQVNVNQGTAGSALVVYEPKPVVTYDSKLEFGAFTNLPHVLMNLAETTQADLCIPYVADTNYVKTDSSDL
GQLKVYVWTPLSIPTGSANQVDVTILGSLLQLDFQNPRVFAQDVNIYDN
;
C
4 'polyribonucleotide' GUUUUU D
#
# COMPACT_ATOMS: atom_id res chain seq x y z
N THR A 25 -15.02 -31.64 9.11
CA THR A 25 -15.92 -31.49 7.92
C THR A 25 -16.01 -30.03 7.49
N MET A 26 -16.88 -29.76 6.53
CA MET A 26 -17.08 -28.41 6.01
C MET A 26 -18.07 -27.60 6.82
N SER A 27 -17.68 -26.36 7.14
CA SER A 27 -18.52 -25.46 7.91
C SER A 27 -19.39 -24.63 6.96
N PRO A 28 -20.51 -24.09 7.46
CA PRO A 28 -21.40 -23.27 6.63
C PRO A 28 -20.71 -22.01 6.11
N ASN A 29 -19.65 -21.62 6.79
CA ASN A 29 -18.89 -20.43 6.40
C ASN A 29 -18.19 -20.67 5.06
N GLU A 30 -17.70 -21.88 4.87
CA GLU A 30 -17.00 -22.26 3.65
C GLU A 30 -17.97 -22.69 2.56
N LEU A 31 -19.26 -22.61 2.83
CA LEU A 31 -20.27 -23.00 1.86
C LEU A 31 -20.97 -21.78 1.26
N GLY A 32 -20.45 -20.60 1.55
CA GLY A 32 -21.03 -19.39 1.00
C GLY A 32 -21.62 -18.42 2.02
N LEU A 33 -22.05 -18.94 3.16
CA LEU A 33 -22.64 -18.10 4.20
C LEU A 33 -21.56 -17.42 5.03
N THR A 34 -21.39 -16.11 4.81
CA THR A 34 -20.38 -15.33 5.53
C THR A 34 -20.88 -13.93 5.83
N SER A 35 -19.99 -13.09 6.36
CA SER A 35 -20.31 -11.71 6.68
C SER A 35 -19.18 -10.81 6.19
N ALA A 36 -19.53 -9.85 5.32
CA ALA A 36 -18.55 -8.94 4.75
C ALA A 36 -17.80 -8.09 5.77
N GLN A 37 -18.41 -7.86 6.94
CA GLN A 37 -17.77 -7.05 7.96
C GLN A 37 -16.78 -7.81 8.83
N ASP A 38 -16.54 -9.08 8.48
CA ASP A 38 -15.60 -9.90 9.24
C ASP A 38 -14.52 -10.42 8.31
N ASP A 39 -14.09 -9.56 7.39
CA ASP A 39 -13.04 -9.94 6.44
C ASP A 39 -11.64 -9.56 6.88
N GLY A 40 -11.53 -8.54 7.73
CA GLY A 40 -10.21 -8.13 8.19
C GLY A 40 -9.61 -9.14 9.15
N PRO A 41 -8.28 -9.31 9.17
CA PRO A 41 -7.27 -8.61 8.35
C PRO A 41 -7.39 -8.92 6.86
N LEU A 42 -6.73 -8.10 6.04
CA LEU A 42 -6.76 -8.27 4.59
C LEU A 42 -5.92 -9.48 4.18
N GLY A 43 -6.47 -10.29 3.28
CA GLY A 43 -5.77 -11.47 2.81
C GLY A 43 -6.23 -12.76 3.48
N GLN A 44 -7.43 -13.19 3.14
CA GLN A 44 -8.00 -14.42 3.70
C GLN A 44 -8.22 -15.46 2.62
N GLU A 45 -7.31 -16.42 2.52
CA GLU A 45 -7.43 -17.47 1.51
C GLU A 45 -8.39 -18.55 1.97
N LYS A 46 -9.66 -18.17 2.15
CA LYS A 46 -10.68 -19.11 2.59
C LYS A 46 -11.15 -19.98 1.41
N PRO A 47 -11.29 -21.28 1.64
CA PRO A 47 -11.73 -22.21 0.59
C PRO A 47 -13.25 -22.25 0.45
N ASN A 48 -13.73 -22.34 -0.78
CA ASN A 48 -15.16 -22.39 -1.05
C ASN A 48 -15.52 -23.70 -1.73
N TYR A 49 -16.50 -24.42 -1.18
CA TYR A 49 -16.91 -25.72 -1.70
C TYR A 49 -18.39 -25.92 -1.92
N PHE A 50 -18.71 -26.98 -2.64
CA PHE A 50 -20.06 -27.48 -2.85
C PHE A 50 -19.90 -28.98 -3.08
N LEU A 51 -20.97 -29.74 -3.09
CA LEU A 51 -20.87 -31.18 -3.20
C LEU A 51 -20.10 -31.67 -4.41
N ASN A 52 -20.28 -31.06 -5.56
CA ASN A 52 -19.56 -31.47 -6.74
C ASN A 52 -18.37 -30.59 -7.10
N PHE A 53 -17.99 -29.70 -6.19
CA PHE A 53 -16.90 -28.78 -6.48
C PHE A 53 -15.78 -28.73 -5.44
N ARG A 54 -14.56 -28.61 -5.93
CA ARG A 54 -13.39 -28.50 -5.07
C ARG A 54 -12.38 -27.65 -5.83
N SER A 55 -11.62 -26.83 -5.13
CA SER A 55 -10.61 -26.03 -5.80
C SER A 55 -9.58 -26.92 -6.51
N MET A 56 -9.57 -26.90 -7.83
CA MET A 56 -8.64 -27.71 -8.59
C MET A 56 -7.60 -26.84 -9.26
N ASN A 57 -6.33 -27.10 -8.97
CA ASN A 57 -5.25 -26.33 -9.55
C ASN A 57 -4.62 -27.06 -10.70
N VAL A 58 -4.68 -26.46 -11.87
CA VAL A 58 -4.11 -27.04 -13.06
C VAL A 58 -3.14 -26.07 -13.68
N ASP A 59 -1.91 -26.50 -13.93
CA ASP A 59 -0.92 -25.62 -14.51
C ASP A 59 -0.63 -26.03 -15.94
N ILE A 60 -0.73 -25.07 -16.85
CA ILE A 60 -0.48 -25.30 -18.26
C ILE A 60 0.96 -25.10 -18.72
N PHE A 61 1.74 -24.38 -17.92
CA PHE A 61 3.14 -24.07 -18.21
C PHE A 61 4.02 -24.42 -17.01
N THR A 62 5.32 -24.57 -17.25
CA THR A 62 6.24 -24.94 -16.18
C THR A 62 6.38 -23.83 -15.14
N VAL A 63 5.97 -22.61 -15.46
CA VAL A 63 5.98 -21.59 -14.45
C VAL A 63 4.90 -20.55 -14.56
N SER A 64 4.82 -19.82 -13.47
CA SER A 64 3.88 -18.77 -13.31
C SER A 64 4.16 -17.52 -14.13
N HIS A 65 3.08 -16.91 -14.59
CA HIS A 65 3.14 -15.70 -15.37
C HIS A 65 2.51 -14.59 -14.53
N THR A 66 2.11 -14.94 -13.31
CA THR A 66 1.48 -13.98 -12.41
C THR A 66 2.48 -13.38 -11.43
N LYS A 67 3.61 -14.07 -11.23
CA LYS A 67 4.64 -13.58 -10.32
C LYS A 67 5.19 -12.25 -10.79
N VAL A 68 5.29 -11.30 -9.87
CA VAL A 68 5.79 -9.96 -10.18
C VAL A 68 7.11 -9.95 -10.94
N ASP A 69 8.05 -10.80 -10.52
CA ASP A 69 9.34 -10.86 -11.17
C ASP A 69 9.25 -11.26 -12.64
N ASN A 70 8.40 -12.24 -12.93
CA ASN A 70 8.22 -12.72 -14.30
C ASN A 70 7.48 -11.74 -15.19
N LEU A 71 6.26 -11.38 -14.79
CA LEU A 71 5.44 -10.46 -15.57
C LEU A 71 6.19 -9.18 -15.95
N PHE A 72 6.65 -8.46 -14.93
CA PHE A 72 7.36 -7.20 -15.13
C PHE A 72 8.76 -7.38 -15.72
N GLY A 73 9.24 -8.61 -15.71
CA GLY A 73 10.56 -8.88 -16.27
C GLY A 73 10.54 -8.68 -17.77
N ARG A 74 9.35 -8.45 -18.31
CA ARG A 74 9.16 -8.23 -19.73
C ARG A 74 8.87 -6.76 -20.00
N ALA A 75 9.70 -6.15 -20.84
CA ALA A 75 9.56 -4.74 -21.18
C ALA A 75 8.23 -4.35 -21.83
N TRP A 76 8.08 -3.04 -22.04
CA TRP A 76 6.88 -2.48 -22.66
C TRP A 76 7.28 -1.08 -23.15
N PHE A 77 6.73 -0.66 -24.28
CA PHE A 77 7.06 0.64 -24.84
C PHE A 77 6.82 1.76 -23.83
N PHE A 78 7.63 2.81 -23.93
CA PHE A 78 7.50 3.95 -23.04
C PHE A 78 7.24 5.21 -23.86
N MET A 79 8.24 5.65 -24.62
CA MET A 79 8.10 6.84 -25.44
C MET A 79 9.21 6.94 -26.48
N GLU A 80 9.07 7.87 -27.40
CA GLU A 80 10.04 8.07 -28.45
C GLU A 80 10.43 9.53 -28.56
N HIS A 81 11.68 9.78 -28.94
CA HIS A 81 12.19 11.14 -29.09
C HIS A 81 12.93 11.28 -30.41
N THR A 82 12.66 12.34 -31.16
CA THR A 82 13.38 12.54 -32.41
C THR A 82 14.39 13.66 -32.22
N PHE A 83 15.65 13.39 -32.53
CA PHE A 83 16.69 14.38 -32.33
C PHE A 83 17.34 14.84 -33.62
N THR A 84 17.41 16.14 -33.80
CA THR A 84 18.05 16.71 -34.97
C THR A 84 19.43 17.26 -34.60
N ASN A 85 19.76 17.16 -33.32
CA ASN A 85 21.02 17.66 -32.79
C ASN A 85 21.36 16.98 -31.48
N GLU A 86 22.54 17.26 -30.96
CA GLU A 86 23.01 16.69 -29.70
C GLU A 86 22.27 17.13 -28.43
N GLY A 87 21.49 18.19 -28.49
CA GLY A 87 20.85 18.65 -27.28
C GLY A 87 20.43 17.46 -26.46
N GLN A 88 20.61 17.55 -25.15
CA GLN A 88 20.28 16.49 -24.23
C GLN A 88 18.79 16.28 -24.05
N TRP A 89 18.39 15.05 -23.76
CA TRP A 89 16.99 14.75 -23.54
C TRP A 89 16.81 14.14 -22.17
N ARG A 90 15.98 14.76 -21.35
CA ARG A 90 15.70 14.24 -20.03
C ARG A 90 14.21 14.02 -19.96
N VAL A 91 13.78 12.82 -19.58
CA VAL A 91 12.36 12.56 -19.47
C VAL A 91 11.99 11.85 -18.19
N PRO A 92 10.87 12.33 -17.53
CA PRO A 92 10.55 11.59 -16.31
C PRO A 92 10.13 10.19 -16.67
N LEU A 93 10.53 9.20 -15.89
CA LEU A 93 10.18 7.82 -16.14
C LEU A 93 9.11 7.45 -15.13
N GLU A 94 8.01 6.90 -15.61
CA GLU A 94 6.87 6.56 -14.77
C GLU A 94 6.27 5.23 -15.19
N PHE A 95 5.45 4.65 -14.31
CA PHE A 95 4.80 3.39 -14.61
C PHE A 95 3.70 3.60 -15.64
N PRO A 96 3.50 2.63 -16.54
CA PRO A 96 2.49 2.70 -17.59
C PRO A 96 1.06 2.48 -17.17
N LYS A 97 0.18 3.27 -17.76
CA LYS A 97 -1.26 3.17 -17.52
C LYS A 97 -1.75 2.62 -18.85
N GLN A 98 -0.82 2.03 -19.60
CA GLN A 98 -1.14 1.51 -20.93
C GLN A 98 -0.90 0.04 -21.25
N GLY A 99 0.29 -0.48 -20.97
CA GLY A 99 0.55 -1.88 -21.28
C GLY A 99 0.31 -2.82 -20.13
N HIS A 100 0.83 -4.04 -20.22
CA HIS A 100 0.66 -5.01 -19.16
C HIS A 100 1.31 -4.49 -17.89
N GLY A 101 2.13 -3.44 -18.03
CA GLY A 101 2.78 -2.86 -16.87
C GLY A 101 1.79 -2.14 -15.98
N SER A 102 0.59 -1.92 -16.51
CA SER A 102 -0.47 -1.24 -15.76
C SER A 102 -0.80 -1.98 -14.48
N LEU A 103 -0.51 -3.27 -14.45
CA LEU A 103 -0.78 -4.09 -13.26
C LEU A 103 -0.06 -3.52 -12.05
N SER A 104 0.85 -2.59 -12.28
CA SER A 104 1.60 -1.96 -11.21
C SER A 104 0.74 -0.92 -10.49
N LEU A 105 -0.20 -0.34 -11.23
CA LEU A 105 -1.09 0.67 -10.69
C LEU A 105 -1.92 0.12 -9.53
N LEU A 106 -1.88 -1.20 -9.34
CA LEU A 106 -2.61 -1.84 -8.26
C LEU A 106 -1.83 -1.73 -6.96
N PHE A 107 -0.61 -1.21 -7.06
CA PHE A 107 0.24 -1.04 -5.89
C PHE A 107 0.49 0.43 -5.61
N ALA A 108 1.06 0.73 -4.45
CA ALA A 108 1.32 2.10 -4.06
C ALA A 108 2.81 2.44 -4.03
N TYR A 109 3.63 1.49 -3.58
CA TYR A 109 5.07 1.73 -3.50
C TYR A 109 5.92 0.71 -4.24
N PHE A 110 7.04 1.18 -4.77
CA PHE A 110 7.97 0.34 -5.52
C PHE A 110 9.42 0.60 -5.12
N THR A 111 10.28 -0.38 -5.40
CA THR A 111 11.70 -0.28 -5.10
C THR A 111 12.43 -1.49 -5.69
N GLY A 112 13.54 -1.23 -6.38
CA GLY A 112 14.30 -2.31 -6.99
C GLY A 112 14.99 -1.90 -8.28
N GLU A 113 15.64 -2.84 -8.94
CA GLU A 113 16.34 -2.55 -10.18
C GLU A 113 15.39 -2.14 -11.32
N LEU A 114 15.87 -1.28 -12.21
CA LEU A 114 15.08 -0.77 -13.31
C LEU A 114 15.80 -1.00 -14.65
N ASN A 115 15.20 -1.82 -15.50
CA ASN A 115 15.77 -2.13 -16.80
C ASN A 115 15.27 -1.14 -17.86
N ILE A 116 16.20 -0.41 -18.46
CA ILE A 116 15.86 0.56 -19.49
C ILE A 116 16.37 0.08 -20.85
N HIS A 117 15.47 -0.04 -21.80
CA HIS A 117 15.80 -0.49 -23.14
C HIS A 117 15.76 0.70 -24.11
N VAL A 118 16.90 1.04 -24.68
CA VAL A 118 16.97 2.17 -25.59
C VAL A 118 17.44 1.78 -26.99
N LEU A 119 16.77 2.31 -28.01
CA LEU A 119 17.15 2.02 -29.37
C LEU A 119 17.63 3.29 -30.02
N PHE A 120 18.83 3.27 -30.56
CA PHE A 120 19.36 4.47 -31.21
C PHE A 120 19.21 4.34 -32.70
N LEU A 121 18.31 5.14 -33.27
CA LEU A 121 18.11 5.09 -34.70
C LEU A 121 18.83 6.25 -35.30
N SER A 122 20.00 5.98 -35.84
CA SER A 122 20.80 7.01 -36.46
C SER A 122 21.73 6.36 -37.44
N GLU A 123 22.21 7.17 -38.36
CA GLU A 123 23.13 6.71 -39.41
C GLU A 123 24.56 6.61 -38.91
N ARG A 124 25.09 7.70 -38.36
CA ARG A 124 26.46 7.73 -37.86
C ARG A 124 26.59 8.57 -36.60
N GLY A 125 26.90 7.92 -35.48
CA GLY A 125 27.06 8.64 -34.23
C GLY A 125 27.11 7.76 -33.00
N PHE A 126 26.88 8.38 -31.85
CA PHE A 126 26.88 7.68 -30.57
C PHE A 126 25.80 8.28 -29.67
N LEU A 127 25.26 7.47 -28.77
CA LEU A 127 24.23 7.95 -27.85
C LEU A 127 24.62 7.75 -26.40
N ARG A 128 24.73 8.85 -25.67
CA ARG A 128 25.08 8.81 -24.26
C ARG A 128 23.78 8.60 -23.50
N VAL A 129 23.76 7.62 -22.61
CA VAL A 129 22.56 7.34 -21.83
C VAL A 129 22.91 7.32 -20.36
N ALA A 130 22.07 7.92 -19.52
CA ALA A 130 22.33 7.93 -18.09
C ALA A 130 21.04 8.00 -17.30
N HIS A 131 21.05 7.50 -16.08
CA HIS A 131 19.85 7.52 -15.26
C HIS A 131 20.11 7.98 -13.83
N THR A 132 19.26 8.87 -13.34
CA THR A 132 19.37 9.36 -11.97
C THR A 132 18.00 9.63 -11.39
N TYR A 133 17.82 9.39 -10.10
CA TYR A 133 16.55 9.65 -9.42
C TYR A 133 16.52 11.08 -8.88
N ASP A 134 17.69 11.71 -8.83
CA ASP A 134 17.90 13.07 -8.37
C ASP A 134 17.03 14.03 -9.19
N THR A 135 16.23 14.82 -8.49
CA THR A 135 15.33 15.77 -9.14
C THR A 135 16.04 16.99 -9.72
N SER A 136 17.16 17.37 -9.12
CA SER A 136 17.94 18.52 -9.59
C SER A 136 18.32 18.38 -11.06
N ASN A 137 18.02 19.39 -11.84
CA ASN A 137 18.38 19.41 -13.25
C ASN A 137 19.89 19.52 -13.49
N ASP A 138 20.56 20.34 -12.69
CA ASP A 138 21.98 20.61 -12.81
C ASP A 138 22.90 19.42 -12.65
N ARG A 139 22.52 18.48 -11.80
CA ARG A 139 23.36 17.32 -11.57
C ARG A 139 23.57 16.57 -12.88
N VAL A 140 22.63 16.68 -13.79
CA VAL A 140 22.71 15.99 -15.07
C VAL A 140 23.49 16.72 -16.17
N ASN A 141 23.98 17.91 -15.89
CA ASN A 141 24.75 18.68 -16.87
C ASN A 141 26.03 17.98 -17.25
N PHE A 142 26.72 17.46 -16.26
CA PHE A 142 27.93 16.72 -16.52
C PHE A 142 27.42 15.29 -16.49
N LEU A 143 27.09 14.77 -17.66
CA LEU A 143 26.54 13.45 -17.77
C LEU A 143 27.43 12.28 -17.40
N SER A 144 28.73 12.44 -17.58
CA SER A 144 29.66 11.36 -17.36
C SER A 144 29.65 10.75 -15.97
N SER A 145 29.53 11.57 -14.94
CA SER A 145 29.52 11.08 -13.57
C SER A 145 28.36 10.13 -13.30
N ASN A 146 27.22 10.45 -13.89
CA ASN A 146 26.01 9.64 -13.75
C ASN A 146 26.05 8.22 -14.33
N GLY A 147 26.70 8.06 -15.48
CA GLY A 147 26.79 6.79 -16.17
C GLY A 147 27.23 7.01 -17.60
N VAL A 148 26.24 7.23 -18.46
CA VAL A 148 26.44 7.47 -19.89
C VAL A 148 26.95 6.33 -20.77
N ILE A 149 26.34 5.16 -20.67
CA ILE A 149 26.75 4.02 -21.47
C ILE A 149 26.67 4.50 -22.90
N THR A 150 27.47 3.90 -23.78
CA THR A 150 27.50 4.30 -25.18
C THR A 150 26.96 3.28 -26.18
N VAL A 151 25.89 3.65 -26.87
CA VAL A 151 25.27 2.81 -27.88
C VAL A 151 25.65 3.38 -29.24
N PRO A 152 26.49 2.66 -30.00
CA PRO A 152 26.88 3.19 -31.31
C PRO A 152 25.66 3.35 -32.22
N ALA A 153 25.75 4.18 -33.24
CA ALA A 153 24.58 4.37 -34.06
C ALA A 153 24.12 3.03 -34.63
N GLY A 154 22.81 2.82 -34.63
CA GLY A 154 22.24 1.59 -35.15
C GLY A 154 22.25 0.43 -34.17
N GLU A 155 22.60 0.70 -32.93
CA GLU A 155 22.63 -0.35 -31.94
C GLU A 155 21.68 -0.03 -30.79
N GLN A 156 21.26 -1.05 -30.08
CA GLN A 156 20.33 -0.88 -28.97
C GLN A 156 20.89 -1.53 -27.73
N MET A 157 20.83 -0.84 -26.59
CA MET A 157 21.33 -1.43 -25.35
C MET A 157 20.28 -1.49 -24.26
N THR A 158 20.50 -2.37 -23.29
CA THR A 158 19.59 -2.54 -22.16
C THR A 158 20.38 -2.34 -20.87
N LEU A 159 20.29 -1.15 -20.30
CA LEU A 159 20.99 -0.84 -19.06
C LEU A 159 20.09 -1.00 -17.85
N SER A 160 20.61 -1.63 -16.80
CA SER A 160 19.85 -1.83 -15.58
C SER A 160 20.27 -0.84 -14.51
N ALA A 161 19.45 0.20 -14.34
CA ALA A 161 19.73 1.24 -13.36
C ALA A 161 19.36 0.79 -11.95
N PRO A 162 20.31 0.90 -11.00
CA PRO A 162 20.07 0.51 -9.61
C PRO A 162 19.16 1.49 -8.89
N TYR A 163 18.74 1.13 -7.69
CA TYR A 163 17.86 1.99 -6.93
C TYR A 163 18.61 3.06 -6.15
N TYR A 164 19.25 3.97 -6.89
CA TYR A 164 19.96 5.07 -6.29
C TYR A 164 18.88 6.12 -6.11
N SER A 165 17.97 5.87 -5.17
CA SER A 165 16.86 6.76 -4.90
C SER A 165 17.05 7.38 -3.54
N ASN A 166 16.83 8.69 -3.43
CA ASN A 166 17.03 9.29 -2.12
C ASN A 166 15.82 9.01 -1.24
N LYS A 167 14.82 8.36 -1.82
CA LYS A 167 13.60 8.01 -1.10
C LYS A 167 13.51 6.49 -1.03
N PRO A 168 13.36 5.93 0.18
CA PRO A 168 13.27 4.48 0.38
C PRO A 168 12.28 3.80 -0.54
N LEU A 169 11.16 4.47 -0.80
CA LEU A 169 10.14 3.90 -1.66
C LEU A 169 9.72 4.89 -2.71
N ARG A 170 9.32 4.37 -3.86
CA ARG A 170 8.87 5.23 -4.93
C ARG A 170 7.35 5.10 -5.06
N THR A 171 6.60 6.17 -4.76
CA THR A 171 5.14 6.08 -4.90
C THR A 171 5.11 5.55 -6.35
N VAL A 172 4.35 4.51 -6.63
CA VAL A 172 4.26 3.99 -7.99
C VAL A 172 3.60 4.93 -9.01
N ARG A 173 2.76 5.87 -8.58
CA ARG A 173 2.06 6.74 -9.54
C ARG A 173 2.71 7.98 -10.11
N ASP A 174 3.51 8.62 -9.27
CA ASP A 174 4.23 9.84 -9.63
C ASP A 174 4.72 9.93 -11.05
N ASN A 175 4.58 11.13 -11.61
CA ASN A 175 4.99 11.42 -12.97
C ASN A 175 6.49 11.18 -13.08
N ASN A 176 7.12 10.91 -11.94
CA ASN A 176 8.54 10.63 -11.90
C ASN A 176 8.80 9.48 -10.94
N SER A 177 7.79 8.62 -10.77
CA SER A 177 7.90 7.46 -9.90
C SER A 177 9.25 6.81 -10.12
N LEU A 178 9.60 6.64 -11.40
CA LEU A 178 10.88 6.07 -11.77
C LEU A 178 11.80 7.27 -12.02
N GLY A 179 13.10 7.09 -11.81
CA GLY A 179 14.03 8.19 -12.00
C GLY A 179 14.12 8.68 -13.43
N TYR A 180 14.63 9.88 -13.61
CA TYR A 180 14.78 10.51 -14.92
C TYR A 180 15.84 9.85 -15.81
N LEU A 181 15.56 9.81 -17.11
CA LEU A 181 16.48 9.24 -18.09
C LEU A 181 17.09 10.34 -18.94
N MET A 182 18.40 10.24 -19.17
CA MET A 182 19.12 11.24 -19.96
C MET A 182 19.70 10.67 -21.24
N CYS A 183 19.47 11.36 -22.34
CA CYS A 183 19.98 10.93 -23.63
C CYS A 183 20.59 12.09 -24.37
N LYS A 184 21.88 12.01 -24.63
CA LYS A 184 22.55 13.07 -25.37
C LYS A 184 23.30 12.35 -26.47
N PRO A 185 23.10 12.83 -27.75
CA PRO A 185 23.81 12.08 -28.79
C PRO A 185 24.97 12.85 -29.38
N PHE A 186 26.10 12.19 -29.50
CA PHE A 186 27.29 12.81 -30.08
C PHE A 186 27.31 12.60 -31.59
N LEU A 187 26.43 13.30 -32.31
CA LEU A 187 26.38 13.20 -33.77
C LEU A 187 27.67 13.71 -34.44
N THR A 188 27.86 13.40 -35.73
CA THR A 188 29.07 13.78 -36.47
C THR A 188 28.92 14.75 -37.63
N GLY A 189 27.82 14.63 -38.34
CA GLY A 189 27.56 15.48 -39.47
C GLY A 189 26.12 15.90 -39.35
N THR A 190 25.53 16.33 -40.44
CA THR A 190 24.14 16.76 -40.42
C THR A 190 23.16 15.64 -40.02
N SER A 191 23.66 14.42 -39.85
CA SER A 191 22.81 13.28 -39.50
C SER A 191 21.85 13.52 -38.33
N THR A 192 20.61 13.05 -38.48
CA THR A 192 19.57 13.18 -37.46
C THR A 192 18.84 11.84 -37.30
N GLY A 193 17.93 11.76 -36.35
CA GLY A 193 17.19 10.52 -36.14
C GLY A 193 16.17 10.52 -35.01
N LYS A 194 15.86 9.32 -34.52
CA LYS A 194 14.89 9.19 -33.44
C LYS A 194 15.29 8.08 -32.45
N ILE A 195 15.02 8.32 -31.16
CA ILE A 195 15.36 7.37 -30.09
C ILE A 195 14.13 6.80 -29.41
N GLU A 196 13.80 5.55 -29.71
CA GLU A 196 12.68 4.88 -29.08
C GLU A 196 13.09 4.27 -27.73
N VAL A 197 12.23 4.38 -26.72
CA VAL A 197 12.51 3.85 -25.39
C VAL A 197 11.48 2.82 -24.89
N TYR A 198 11.99 1.77 -24.27
CA TYR A 198 11.20 0.69 -23.68
C TYR A 198 11.67 0.50 -22.24
N LEU A 199 10.77 0.16 -21.33
CA LEU A 199 11.15 -0.04 -19.93
C LEU A 199 10.69 -1.36 -19.34
N SER A 200 11.46 -1.89 -18.42
CA SER A 200 11.15 -3.15 -17.75
C SER A 200 11.87 -3.11 -16.41
N LEU A 201 11.49 -3.95 -15.46
CA LEU A 201 12.22 -3.92 -14.18
C LEU A 201 12.64 -5.35 -13.77
N ARG A 202 13.78 -5.46 -13.09
CA ARG A 202 14.43 -6.75 -12.71
C ARG A 202 13.95 -7.73 -11.64
N CYS A 203 13.49 -7.19 -10.53
CA CYS A 203 12.99 -7.92 -9.38
C CYS A 203 12.39 -6.71 -8.76
N PRO A 204 11.07 -6.66 -8.77
CA PRO A 204 10.37 -5.51 -8.21
C PRO A 204 9.73 -5.74 -6.85
N ASN A 205 9.85 -4.74 -5.99
CA ASN A 205 9.26 -4.81 -4.66
C ASN A 205 8.08 -3.85 -4.54
N PHE A 206 6.88 -4.40 -4.64
CA PHE A 206 5.66 -3.61 -4.54
C PHE A 206 5.01 -3.79 -3.16
N PHE A 207 4.42 -2.72 -2.64
CA PHE A 207 3.79 -2.78 -1.33
C PHE A 207 2.46 -2.03 -1.24
N PHE A 208 1.65 -2.42 -0.25
CA PHE A 208 0.36 -1.80 0.05
C PHE A 208 -0.58 -1.59 -1.15
N PRO A 209 -1.07 -2.69 -1.74
CA PRO A 209 -1.98 -2.60 -2.90
C PRO A 209 -3.16 -1.65 -2.68
N LEU A 210 -3.38 -0.76 -3.65
CA LEU A 210 -4.47 0.20 -3.58
C LEU A 210 -5.60 -0.20 -4.53
N PRO A 211 -6.75 0.49 -4.47
CA PRO A 211 -7.88 0.18 -5.35
C PRO A 211 -7.58 0.24 -6.84
N ALA A 212 -8.28 -0.59 -7.60
CA ALA A 212 -8.10 -0.66 -9.06
C ALA A 212 -8.37 0.68 -9.73
N PRO A 213 -7.63 0.97 -10.81
CA PRO A 213 -7.75 2.22 -11.57
C PRO A 213 -9.04 2.30 -12.39
N LYS A 214 -9.35 3.50 -12.86
CA LYS A 214 -10.53 3.72 -13.69
C LYS A 214 -10.07 3.71 -15.14
N VAL A 215 -11.03 3.82 -16.06
CA VAL A 215 -10.71 3.85 -17.48
C VAL A 215 -10.99 5.25 -18.01
N THR A 216 -10.34 5.61 -19.12
CA THR A 216 -10.52 6.93 -19.71
C THR A 216 -11.76 6.99 -20.59
N MET B 15 54.65 -31.96 -25.45
CA MET B 15 53.82 -30.80 -25.00
C MET B 15 53.04 -30.22 -26.17
N SER B 16 51.95 -29.52 -25.86
CA SER B 16 51.14 -28.90 -26.90
C SER B 16 51.91 -27.68 -27.39
N THR B 17 53.04 -27.93 -28.03
CA THR B 17 53.88 -26.88 -28.58
C THR B 17 54.06 -27.27 -30.04
N LYS B 18 53.24 -28.20 -30.48
CA LYS B 18 53.29 -28.60 -31.86
C LYS B 18 52.24 -27.79 -32.58
N TYR B 19 51.46 -27.06 -31.79
CA TYR B 19 50.40 -26.22 -32.29
C TYR B 19 50.61 -24.85 -31.70
N LYS B 20 50.57 -23.83 -32.53
CA LYS B 20 50.75 -22.48 -32.03
C LYS B 20 49.55 -22.14 -31.17
N TRP B 21 49.80 -21.48 -30.05
CA TRP B 21 48.74 -21.10 -29.12
C TRP B 21 47.82 -20.08 -29.77
N THR B 22 46.52 -20.23 -29.55
CA THR B 22 45.55 -19.31 -30.14
C THR B 22 44.33 -19.01 -29.29
N ARG B 23 43.74 -17.84 -29.53
CA ARG B 23 42.53 -17.44 -28.83
C ARG B 23 41.42 -18.30 -29.39
N THR B 24 40.44 -18.61 -28.58
CA THR B 24 39.32 -19.46 -28.98
C THR B 24 38.52 -18.79 -30.09
N LYS B 25 38.06 -19.59 -31.05
CA LYS B 25 37.27 -19.08 -32.16
C LYS B 25 35.84 -19.58 -31.97
N ILE B 26 34.87 -18.70 -32.14
CA ILE B 26 33.48 -19.07 -31.96
C ILE B 26 32.55 -18.47 -33.03
N ASP B 27 31.49 -19.20 -33.35
CA ASP B 27 30.51 -18.74 -34.34
C ASP B 27 29.39 -17.98 -33.65
N ILE B 28 29.08 -16.80 -34.19
CA ILE B 28 28.03 -15.95 -33.63
C ILE B 28 26.68 -16.23 -34.30
N ALA B 29 25.71 -16.61 -33.49
CA ALA B 29 24.39 -16.95 -33.97
C ALA B 29 23.68 -15.76 -34.59
N GLU B 30 22.62 -16.06 -35.30
CA GLU B 30 21.84 -15.11 -36.04
C GLU B 30 21.33 -13.97 -35.19
N GLY B 31 21.21 -12.81 -35.79
CA GLY B 31 20.72 -11.64 -35.09
C GLY B 31 21.52 -11.18 -33.90
N PRO B 32 22.91 -11.19 -34.06
CA PRO B 32 23.64 -10.73 -32.88
C PRO B 32 23.30 -9.27 -32.68
N GLY B 33 23.16 -8.87 -31.43
CA GLY B 33 22.80 -7.50 -31.09
C GLY B 33 21.30 -7.33 -30.98
N SER B 34 20.55 -8.35 -31.34
CA SER B 34 19.11 -8.31 -31.25
C SER B 34 18.77 -8.26 -29.78
N MET B 35 17.78 -7.44 -29.42
CA MET B 35 17.40 -7.29 -28.02
C MET B 35 16.04 -7.92 -27.73
N ASN B 36 16.05 -8.91 -26.85
CA ASN B 36 14.91 -9.70 -26.44
C ASN B 36 14.20 -9.01 -25.28
N MET B 37 13.03 -8.44 -25.57
CA MET B 37 12.25 -7.74 -24.55
C MET B 37 10.99 -8.54 -24.23
N ALA B 38 11.12 -9.86 -24.26
CA ALA B 38 10.00 -10.75 -23.99
C ALA B 38 10.32 -11.72 -22.86
N ASN B 39 11.53 -12.25 -22.87
CA ASN B 39 11.95 -13.21 -21.86
C ASN B 39 12.61 -12.50 -20.67
N VAL B 40 12.09 -12.77 -19.47
CA VAL B 40 12.63 -12.17 -18.26
C VAL B 40 14.07 -12.64 -18.03
N LEU B 41 14.32 -13.91 -18.32
CA LEU B 41 15.65 -14.49 -18.15
C LEU B 41 16.67 -13.70 -18.95
N CYS B 42 16.18 -12.93 -19.91
CA CYS B 42 17.04 -12.12 -20.77
C CYS B 42 17.29 -10.74 -20.18
N THR B 43 16.23 -10.09 -19.71
CA THR B 43 16.33 -8.75 -19.14
C THR B 43 17.09 -8.70 -17.81
N THR B 44 16.84 -9.67 -16.94
CA THR B 44 17.51 -9.71 -15.64
C THR B 44 19.03 -9.84 -15.78
N GLY B 45 19.48 -10.32 -16.93
CA GLY B 45 20.90 -10.49 -17.16
C GLY B 45 21.56 -9.30 -17.83
N ALA B 46 20.77 -8.25 -18.09
CA ALA B 46 21.28 -7.05 -18.73
C ALA B 46 22.39 -6.40 -17.90
N GLN B 47 23.19 -5.56 -18.53
CA GLN B 47 24.29 -4.89 -17.84
C GLN B 47 23.80 -3.92 -16.77
N SER B 48 24.68 -3.61 -15.82
CA SER B 48 24.34 -2.70 -14.73
C SER B 48 25.11 -1.38 -14.80
N VAL B 49 24.40 -0.27 -14.69
CA VAL B 49 25.01 1.05 -14.71
C VAL B 49 25.45 1.43 -13.31
N ALA B 50 25.29 0.50 -12.37
CA ALA B 50 25.67 0.73 -10.99
C ALA B 50 27.18 0.90 -10.88
N LEU B 51 27.60 1.75 -9.95
CA LEU B 51 29.02 2.03 -9.73
C LEU B 51 29.84 0.76 -9.63
N VAL B 52 29.30 -0.24 -8.93
CA VAL B 52 30.00 -1.50 -8.74
C VAL B 52 29.06 -2.67 -9.03
N GLY B 53 28.04 -2.42 -9.85
CA GLY B 53 27.09 -3.45 -10.21
C GLY B 53 26.53 -4.21 -9.03
N GLU B 54 26.26 -3.42 -8.00
CA GLU B 54 25.76 -3.74 -6.66
C GLU B 54 24.26 -3.66 -6.45
N ARG B 55 23.78 -4.28 -5.38
CA ARG B 55 22.37 -4.29 -5.03
C ARG B 55 22.14 -3.55 -3.72
N ALA B 56 20.96 -2.96 -3.58
CA ALA B 56 20.59 -2.16 -2.42
C ALA B 56 19.76 -2.94 -1.41
N PHE B 57 19.69 -2.42 -0.19
CA PHE B 57 18.93 -3.03 0.88
C PHE B 57 17.56 -2.37 0.93
N TYR B 58 16.52 -3.12 0.58
CA TYR B 58 15.16 -2.58 0.57
C TYR B 58 14.59 -2.44 1.98
N ASP B 59 13.68 -1.48 2.14
CA ASP B 59 13.06 -1.23 3.44
C ASP B 59 11.54 -1.34 3.42
N PRO B 60 11.01 -2.53 3.74
CA PRO B 60 9.57 -2.79 3.76
C PRO B 60 8.84 -2.05 4.88
N ARG B 61 9.49 -1.92 6.03
CA ARG B 61 8.91 -1.25 7.19
C ARG B 61 8.26 0.09 6.85
N THR B 62 8.96 0.93 6.08
CA THR B 62 8.44 2.23 5.71
C THR B 62 7.11 2.08 4.98
N ALA B 63 6.86 0.89 4.44
CA ALA B 63 5.62 0.60 3.73
C ALA B 63 4.65 -0.10 4.67
N GLY B 64 5.10 -0.33 5.91
CA GLY B 64 4.27 -0.99 6.89
C GLY B 64 4.15 -2.49 6.67
N SER B 65 4.92 -3.01 5.71
CA SER B 65 4.89 -4.43 5.39
C SER B 65 6.13 -5.16 5.88
N LYS B 66 6.02 -6.48 6.01
CA LYS B 66 7.13 -7.30 6.46
C LYS B 66 7.81 -7.97 5.27
N SER B 67 7.18 -7.89 4.12
CA SER B 67 7.72 -8.49 2.90
C SER B 67 7.07 -7.88 1.66
N ARG B 68 7.77 -7.98 0.53
CA ARG B 68 7.25 -7.45 -0.72
C ARG B 68 6.12 -8.32 -1.23
N PHE B 69 5.47 -7.88 -2.30
CA PHE B 69 4.37 -8.65 -2.90
C PHE B 69 4.93 -9.40 -4.10
N ASP B 70 4.93 -10.73 -4.02
CA ASP B 70 5.49 -11.55 -5.09
C ASP B 70 4.53 -12.03 -6.18
N ASP B 71 3.30 -12.40 -5.81
CA ASP B 71 2.36 -12.89 -6.82
C ASP B 71 1.17 -11.96 -7.03
N LEU B 72 0.83 -11.71 -8.29
CA LEU B 72 -0.28 -10.83 -8.65
C LEU B 72 -1.64 -11.51 -8.58
N VAL B 73 -1.66 -12.83 -8.74
CA VAL B 73 -2.91 -13.58 -8.71
C VAL B 73 -3.72 -13.27 -7.44
N LYS B 74 -3.01 -13.03 -6.35
CA LYS B 74 -3.64 -12.72 -5.07
C LYS B 74 -4.49 -11.45 -5.16
N ILE B 75 -4.11 -10.54 -6.04
CA ILE B 75 -4.86 -9.30 -6.22
C ILE B 75 -6.13 -9.60 -7.00
N ALA B 76 -6.02 -10.56 -7.92
CA ALA B 76 -7.16 -10.96 -8.75
C ALA B 76 -8.16 -11.69 -7.86
N GLN B 77 -7.70 -12.09 -6.68
CA GLN B 77 -8.53 -12.80 -5.71
C GLN B 77 -9.11 -11.85 -4.67
N LEU B 78 -9.22 -10.58 -5.04
CA LEU B 78 -9.76 -9.57 -4.14
C LEU B 78 -11.08 -9.04 -4.70
N PHE B 79 -12.12 -9.09 -3.88
CA PHE B 79 -13.45 -8.64 -4.29
C PHE B 79 -13.50 -7.20 -4.81
N SER B 80 -14.38 -6.99 -5.78
CA SER B 80 -14.58 -5.69 -6.40
C SER B 80 -16.01 -5.65 -6.95
N VAL B 81 -16.70 -4.53 -6.76
CA VAL B 81 -18.08 -4.39 -7.22
C VAL B 81 -18.23 -4.46 -8.74
N MET B 82 -19.24 -5.19 -9.18
CA MET B 82 -19.52 -5.38 -10.60
C MET B 82 -20.29 -4.22 -11.24
N ALA B 83 -19.66 -3.57 -12.21
CA ALA B 83 -20.29 -2.45 -12.92
C ALA B 83 -20.87 -1.48 -11.91
N ASP B 84 -20.07 -1.16 -10.90
CA ASP B 84 -20.49 -0.25 -9.83
C ASP B 84 -20.98 1.11 -10.33
N SER B 85 -22.04 1.60 -9.70
CA SER B 85 -22.63 2.89 -10.07
C SER B 85 -23.02 3.70 -8.83
N THR B 86 -23.27 4.99 -9.04
CA THR B 86 -23.64 5.88 -7.95
C THR B 86 -25.10 5.63 -7.55
N THR B 87 -25.93 5.32 -8.54
CA THR B 87 -27.34 5.07 -8.31
C THR B 87 -27.69 3.60 -8.59
N PRO B 88 -28.65 3.05 -7.83
CA PRO B 88 -29.08 1.66 -8.00
C PRO B 88 -29.68 1.43 -9.38
N SER B 89 -29.80 0.18 -9.76
CA SER B 89 -30.38 -0.17 -11.07
C SER B 89 -31.76 0.45 -11.20
N GLU B 90 -31.93 1.30 -12.21
CA GLU B 90 -33.21 1.95 -12.44
C GLU B 90 -34.10 1.14 -13.39
N ASN B 91 -33.64 -0.05 -13.73
CA ASN B 91 -34.38 -0.94 -14.62
C ASN B 91 -34.74 -2.25 -13.95
N HIS B 92 -35.01 -2.19 -12.65
CA HIS B 92 -35.37 -3.37 -11.87
C HIS B 92 -34.23 -4.38 -11.82
N GLY B 93 -33.01 -3.91 -12.02
CA GLY B 93 -31.84 -4.78 -11.97
C GLY B 93 -31.51 -5.53 -13.24
N VAL B 94 -32.21 -5.24 -14.33
CA VAL B 94 -31.96 -5.93 -15.59
C VAL B 94 -30.71 -5.42 -16.30
N ASP B 95 -29.95 -4.56 -15.63
CA ASP B 95 -28.72 -4.03 -16.21
C ASP B 95 -27.49 -4.68 -15.58
N ALA B 96 -26.32 -4.17 -15.93
CA ALA B 96 -25.06 -4.72 -15.42
C ALA B 96 -24.69 -4.19 -14.03
N LYS B 97 -25.38 -3.15 -13.57
CA LYS B 97 -25.11 -2.57 -12.27
C LYS B 97 -25.14 -3.59 -11.14
N GLY B 98 -24.09 -3.72 -10.41
CA GLY B 98 -24.11 -4.62 -9.30
C GLY B 98 -24.56 -3.87 -8.10
N TYR B 99 -25.40 -2.89 -8.29
CA TYR B 99 -25.92 -2.12 -7.21
C TYR B 99 -27.38 -1.95 -7.53
N PHE B 100 -28.19 -2.81 -6.95
CA PHE B 100 -29.63 -2.82 -7.20
C PHE B 100 -30.41 -2.89 -5.90
N LYS B 101 -31.71 -2.73 -6.03
CA LYS B 101 -32.61 -2.74 -4.89
C LYS B 101 -33.55 -3.92 -4.89
N TRP B 102 -33.81 -4.44 -3.70
CA TRP B 102 -34.73 -5.56 -3.55
C TRP B 102 -35.97 -4.99 -2.91
N SER B 103 -37.14 -5.28 -3.46
CA SER B 103 -38.31 -4.71 -2.96
C SER B 103 -39.45 -5.55 -2.44
N ALA B 104 -40.18 -4.94 -1.54
CA ALA B 104 -41.34 -5.56 -0.95
C ALA B 104 -42.27 -5.79 -2.12
N THR B 105 -42.28 -4.83 -3.06
CA THR B 105 -43.12 -4.87 -4.24
C THR B 105 -42.85 -6.04 -5.19
N THR B 106 -41.59 -6.39 -5.42
CA THR B 106 -41.30 -7.48 -6.34
C THR B 106 -41.87 -8.81 -5.86
N ALA B 107 -42.53 -9.51 -6.77
CA ALA B 107 -43.17 -10.80 -6.51
C ALA B 107 -42.21 -11.96 -6.60
N PRO B 108 -42.56 -13.12 -6.06
CA PRO B 108 -41.65 -14.26 -6.18
C PRO B 108 -41.51 -14.63 -7.64
N GLN B 109 -40.29 -14.97 -8.02
CA GLN B 109 -39.96 -15.37 -9.37
C GLN B 109 -39.71 -14.15 -10.24
N SER B 110 -40.01 -12.98 -9.70
CA SER B 110 -39.79 -11.74 -10.41
C SER B 110 -38.28 -11.57 -10.32
N ILE B 111 -37.68 -10.85 -11.24
CA ILE B 111 -36.23 -10.72 -11.17
C ILE B 111 -35.79 -9.40 -10.53
N VAL B 112 -34.77 -9.48 -9.68
CA VAL B 112 -34.25 -8.29 -9.01
C VAL B 112 -32.96 -7.86 -9.70
N HIS B 113 -32.36 -8.80 -10.42
CA HIS B 113 -31.15 -8.55 -11.19
C HIS B 113 -30.91 -9.62 -12.25
N ARG B 114 -30.45 -9.21 -13.42
CA ARG B 114 -30.07 -10.16 -14.45
C ARG B 114 -29.12 -9.48 -15.45
N ASN B 115 -28.07 -10.19 -15.84
CA ASN B 115 -27.09 -9.65 -16.78
C ASN B 115 -26.04 -10.70 -17.13
N ILE B 116 -25.32 -10.47 -18.22
CA ILE B 116 -24.28 -11.38 -18.65
C ILE B 116 -22.98 -10.89 -18.01
N VAL B 117 -22.27 -11.81 -17.35
CA VAL B 117 -21.03 -11.45 -16.66
C VAL B 117 -19.74 -11.63 -17.44
N TYR B 118 -18.90 -10.61 -17.40
CA TYR B 118 -17.59 -10.62 -18.05
C TYR B 118 -16.58 -10.20 -16.99
N LEU B 119 -15.34 -10.66 -17.12
CA LEU B 119 -14.30 -10.30 -16.16
C LEU B 119 -14.08 -8.80 -16.08
N ARG B 120 -14.19 -8.12 -17.22
CA ARG B 120 -13.98 -6.68 -17.27
C ARG B 120 -14.99 -5.88 -16.44
N LEU B 121 -16.08 -6.53 -16.04
CA LEU B 121 -17.10 -5.86 -15.25
C LEU B 121 -16.63 -5.64 -13.82
N PHE B 122 -15.42 -6.10 -13.52
CA PHE B 122 -14.85 -5.97 -12.19
C PHE B 122 -13.56 -5.16 -12.22
N PRO B 123 -13.49 -4.08 -11.44
CA PRO B 123 -12.31 -3.20 -11.37
C PRO B 123 -10.99 -3.96 -11.32
N ASN B 124 -10.79 -4.75 -10.27
CA ASN B 124 -9.55 -5.51 -10.11
C ASN B 124 -9.29 -6.44 -11.30
N LEU B 125 -10.27 -7.26 -11.63
CA LEU B 125 -10.16 -8.20 -12.73
C LEU B 125 -9.95 -7.53 -14.08
N ASN B 126 -10.69 -6.46 -14.34
CA ASN B 126 -10.59 -5.74 -15.61
C ASN B 126 -9.15 -5.35 -15.91
N VAL B 127 -8.35 -5.20 -14.87
CA VAL B 127 -6.94 -4.84 -15.03
C VAL B 127 -6.20 -6.02 -15.65
N PHE B 128 -6.45 -7.22 -15.12
CA PHE B 128 -5.81 -8.43 -15.63
C PHE B 128 -6.33 -8.71 -17.04
N VAL B 129 -7.58 -8.32 -17.29
CA VAL B 129 -8.19 -8.51 -18.60
C VAL B 129 -7.43 -7.70 -19.65
N ASN B 130 -6.92 -6.55 -19.21
CA ASN B 130 -6.18 -5.65 -20.10
C ASN B 130 -4.69 -5.98 -20.09
N SER B 131 -4.30 -7.01 -19.33
CA SER B 131 -2.90 -7.40 -19.24
C SER B 131 -2.67 -8.79 -19.81
N TYR B 132 -3.38 -9.78 -19.29
CA TYR B 132 -3.23 -11.15 -19.77
C TYR B 132 -4.24 -11.46 -20.87
N SER B 133 -3.89 -12.42 -21.71
CA SER B 133 -4.74 -12.82 -22.82
C SER B 133 -5.67 -13.97 -22.46
N TYR B 134 -5.19 -14.87 -21.60
CA TYR B 134 -6.00 -16.03 -21.20
C TYR B 134 -5.96 -16.25 -19.69
N PHE B 135 -6.75 -17.21 -19.22
CA PHE B 135 -6.81 -17.54 -17.80
C PHE B 135 -7.64 -18.81 -17.58
N ARG B 136 -7.79 -19.17 -16.32
CA ARG B 136 -8.55 -20.34 -15.91
C ARG B 136 -8.85 -20.26 -14.42
N GLY B 137 -9.77 -21.10 -13.93
CA GLY B 137 -10.06 -21.10 -12.52
C GLY B 137 -11.49 -20.73 -12.22
N SER B 138 -11.91 -20.90 -10.97
CA SER B 138 -13.27 -20.58 -10.57
C SER B 138 -13.43 -19.12 -10.20
N LEU B 139 -14.64 -18.61 -10.35
CA LEU B 139 -14.96 -17.22 -10.03
C LEU B 139 -15.97 -17.19 -8.89
N VAL B 140 -15.76 -16.30 -7.94
CA VAL B 140 -16.66 -16.19 -6.79
C VAL B 140 -17.37 -14.84 -6.74
N LEU B 141 -18.69 -14.89 -6.63
CA LEU B 141 -19.50 -13.68 -6.55
C LEU B 141 -20.16 -13.64 -5.17
N ARG B 142 -20.09 -12.49 -4.51
CA ARG B 142 -20.68 -12.36 -3.19
C ARG B 142 -21.73 -11.26 -3.12
N LEU B 143 -22.98 -11.68 -2.95
CA LEU B 143 -24.10 -10.74 -2.86
C LEU B 143 -24.29 -10.31 -1.41
N SER B 144 -24.25 -9.00 -1.17
CA SER B 144 -24.42 -8.46 0.16
C SER B 144 -25.68 -7.60 0.24
N VAL B 145 -26.72 -8.14 0.86
CA VAL B 145 -27.97 -7.41 1.02
C VAL B 145 -27.96 -6.71 2.37
N TYR B 146 -28.09 -5.39 2.35
CA TYR B 146 -28.08 -4.59 3.57
C TYR B 146 -29.48 -4.21 4.04
N ALA B 147 -30.05 -5.05 4.88
CA ALA B 147 -31.38 -4.83 5.42
C ALA B 147 -31.30 -4.66 6.94
N SER B 148 -32.44 -4.37 7.56
CA SER B 148 -32.49 -4.18 9.01
C SER B 148 -32.66 -5.54 9.68
N THR B 149 -32.54 -5.56 11.00
CA THR B 149 -32.68 -6.81 11.75
C THR B 149 -34.10 -7.35 11.74
N PHE B 150 -35.06 -6.56 11.26
CA PHE B 150 -36.44 -6.99 11.21
C PHE B 150 -36.81 -7.61 9.87
N ASN B 151 -36.18 -7.13 8.80
CA ASN B 151 -36.44 -7.65 7.46
C ASN B 151 -36.11 -9.13 7.33
N ARG B 152 -36.96 -9.87 6.64
CA ARG B 152 -36.75 -11.29 6.42
C ARG B 152 -37.21 -11.66 5.03
N GLY B 153 -36.65 -12.73 4.49
CA GLY B 153 -37.03 -13.20 3.17
C GLY B 153 -35.92 -14.03 2.54
N ARG B 154 -36.20 -14.60 1.38
CA ARG B 154 -35.24 -15.41 0.66
C ARG B 154 -35.05 -14.93 -0.74
N LEU B 155 -33.90 -15.21 -1.30
CA LEU B 155 -33.58 -14.78 -2.65
C LEU B 155 -32.64 -15.82 -3.27
N ARG B 156 -33.01 -16.34 -4.45
CA ARG B 156 -32.19 -17.33 -5.12
C ARG B 156 -31.42 -16.74 -6.28
N MET B 157 -30.10 -16.84 -6.23
CA MET B 157 -29.26 -16.33 -7.31
C MET B 157 -28.57 -17.51 -7.99
N GLY B 158 -28.82 -17.65 -9.28
CA GLY B 158 -28.22 -18.74 -10.03
C GLY B 158 -27.25 -18.23 -11.07
N PHE B 159 -26.60 -19.15 -11.78
CA PHE B 159 -25.64 -18.77 -12.80
C PHE B 159 -25.48 -19.85 -13.86
N PHE B 160 -25.79 -19.52 -15.11
CA PHE B 160 -25.65 -20.49 -16.17
C PHE B 160 -24.31 -20.24 -16.83
N PRO B 161 -23.34 -21.18 -16.53
CA PRO B 161 -22.03 -20.90 -17.13
C PRO B 161 -22.01 -20.91 -18.66
N ASN B 162 -21.34 -19.90 -19.19
CA ASN B 162 -21.14 -19.75 -20.63
C ASN B 162 -22.36 -19.32 -21.41
N ALA B 163 -23.42 -18.92 -20.72
CA ALA B 163 -24.66 -18.49 -21.34
C ALA B 163 -24.52 -17.14 -22.00
N THR B 164 -25.33 -16.88 -23.01
CA THR B 164 -25.27 -15.61 -23.71
C THR B 164 -26.61 -14.90 -23.87
N THR B 165 -27.69 -15.66 -23.91
CA THR B 165 -29.02 -15.07 -24.06
C THR B 165 -29.47 -14.41 -22.77
N ASP B 166 -29.40 -13.08 -22.73
CA ASP B 166 -29.80 -12.33 -21.55
C ASP B 166 -31.33 -12.35 -21.41
N SER B 167 -31.84 -13.41 -20.80
CA SER B 167 -33.28 -13.55 -20.60
C SER B 167 -33.58 -14.32 -19.32
N THR B 168 -34.59 -13.87 -18.59
CA THR B 168 -34.97 -14.53 -17.35
C THR B 168 -35.35 -15.98 -17.64
N SER B 169 -34.83 -16.90 -16.83
CA SER B 169 -35.11 -18.31 -17.01
C SER B 169 -35.00 -19.06 -15.69
N THR B 170 -35.80 -20.11 -15.54
CA THR B 170 -35.79 -20.92 -14.33
C THR B 170 -34.37 -21.34 -13.99
N LEU B 171 -33.99 -21.17 -12.72
CA LEU B 171 -32.65 -21.51 -12.27
C LEU B 171 -32.55 -22.89 -11.64
N ASP B 172 -33.60 -23.69 -11.76
CA ASP B 172 -33.61 -25.03 -11.18
C ASP B 172 -32.44 -25.89 -11.65
N ASN B 173 -31.97 -25.65 -12.87
CA ASN B 173 -30.86 -26.42 -13.41
C ASN B 173 -29.55 -25.65 -13.40
N ALA B 174 -29.60 -24.39 -12.96
CA ALA B 174 -28.41 -23.55 -12.91
C ALA B 174 -27.75 -23.62 -11.54
N ILE B 175 -26.48 -23.24 -11.49
CA ILE B 175 -25.74 -23.24 -10.23
C ILE B 175 -26.31 -22.09 -9.40
N TYR B 176 -27.14 -22.41 -8.43
CA TYR B 176 -27.74 -21.35 -7.61
C TYR B 176 -27.46 -21.44 -6.13
N THR B 177 -27.77 -20.35 -5.43
CA THR B 177 -27.59 -20.24 -3.99
C THR B 177 -28.77 -19.49 -3.40
N ILE B 178 -29.47 -20.12 -2.47
CA ILE B 178 -30.62 -19.49 -1.85
C ILE B 178 -30.15 -18.66 -0.65
N CYS B 179 -30.57 -17.41 -0.59
CA CYS B 179 -30.16 -16.52 0.48
C CYS B 179 -31.27 -16.17 1.48
N ASP B 180 -31.13 -16.67 2.70
CA ASP B 180 -32.10 -16.41 3.75
C ASP B 180 -31.54 -15.31 4.65
N ILE B 181 -32.21 -14.16 4.67
CA ILE B 181 -31.77 -13.03 5.47
C ILE B 181 -31.64 -13.34 6.96
N GLY B 182 -30.50 -12.95 7.53
CA GLY B 182 -30.24 -13.18 8.94
C GLY B 182 -29.21 -12.20 9.46
N SER B 183 -28.20 -12.70 10.15
CA SER B 183 -27.14 -11.86 10.70
C SER B 183 -26.02 -11.69 9.68
N ASP B 184 -25.69 -12.76 8.97
CA ASP B 184 -24.64 -12.73 7.95
C ASP B 184 -25.34 -12.60 6.60
N ASN B 185 -25.63 -11.38 6.20
CA ASN B 185 -26.32 -11.13 4.93
C ASN B 185 -25.41 -10.90 3.72
N SER B 186 -24.42 -11.77 3.56
CA SER B 186 -23.51 -11.72 2.43
C SER B 186 -23.55 -13.14 1.91
N PHE B 187 -23.90 -13.33 0.65
CA PHE B 187 -23.99 -14.68 0.12
C PHE B 187 -23.08 -14.92 -1.07
N GLU B 188 -22.35 -16.03 -1.01
CA GLU B 188 -21.41 -16.39 -2.05
C GLU B 188 -21.89 -17.47 -3.00
N ILE B 189 -21.31 -17.45 -4.20
CA ILE B 189 -21.63 -18.42 -5.24
C ILE B 189 -20.37 -18.63 -6.10
N THR B 190 -19.92 -19.88 -6.21
CA THR B 190 -18.73 -20.20 -6.98
C THR B 190 -19.04 -20.79 -8.35
N ILE B 191 -18.28 -20.38 -9.35
CA ILE B 191 -18.48 -20.92 -10.68
C ILE B 191 -17.19 -21.62 -11.01
N PRO B 192 -17.26 -22.99 -11.18
CA PRO B 192 -15.99 -23.63 -11.51
C PRO B 192 -15.65 -23.46 -12.98
N TYR B 193 -14.38 -23.50 -13.33
CA TYR B 193 -13.98 -23.23 -14.69
C TYR B 193 -14.70 -24.09 -15.70
N SER B 194 -15.34 -23.44 -16.66
CA SER B 194 -16.13 -24.16 -17.60
C SER B 194 -15.93 -23.71 -19.02
N PHE B 195 -15.06 -24.38 -19.74
CA PHE B 195 -14.85 -24.01 -21.12
C PHE B 195 -14.27 -25.18 -21.87
N SER B 196 -14.43 -25.14 -23.20
CA SER B 196 -13.92 -26.19 -24.04
C SER B 196 -12.41 -26.24 -23.95
N THR B 197 -11.79 -25.07 -23.93
CA THR B 197 -10.36 -24.93 -23.85
C THR B 197 -9.81 -25.02 -22.43
N TRP B 198 -8.56 -25.40 -22.30
CA TRP B 198 -7.89 -25.52 -21.01
C TRP B 198 -7.73 -24.15 -20.34
N MET B 199 -7.47 -23.12 -21.13
CA MET B 199 -7.31 -21.76 -20.64
C MET B 199 -8.34 -21.03 -21.44
N ARG B 200 -8.83 -19.89 -20.97
CA ARG B 200 -9.84 -19.21 -21.78
C ARG B 200 -9.56 -17.74 -21.94
N LYS B 201 -9.98 -17.17 -23.06
CA LYS B 201 -9.73 -15.75 -23.27
C LYS B 201 -10.16 -14.91 -22.08
N THR B 202 -9.27 -14.03 -21.66
CA THR B 202 -9.49 -13.10 -20.58
C THR B 202 -10.59 -12.15 -20.98
N ASN B 203 -10.59 -11.77 -22.25
CA ASN B 203 -11.59 -10.86 -22.76
C ASN B 203 -12.22 -11.44 -24.00
N GLY B 204 -12.97 -12.51 -23.80
CA GLY B 204 -13.65 -13.19 -24.88
C GLY B 204 -15.10 -13.48 -24.57
N HIS B 205 -15.44 -14.75 -24.62
CA HIS B 205 -16.79 -15.22 -24.35
C HIS B 205 -17.21 -14.94 -22.93
N PRO B 206 -18.47 -14.59 -22.74
CA PRO B 206 -19.02 -14.29 -21.42
C PRO B 206 -18.77 -15.42 -20.41
N ILE B 207 -18.82 -15.08 -19.13
CA ILE B 207 -18.61 -16.07 -18.09
C ILE B 207 -19.91 -16.86 -17.91
N GLY B 208 -21.02 -16.22 -18.26
CA GLY B 208 -22.32 -16.87 -18.14
C GLY B 208 -23.41 -15.90 -17.77
N LEU B 209 -24.62 -16.42 -17.60
CA LEU B 209 -25.78 -15.60 -17.24
C LEU B 209 -25.95 -15.56 -15.73
N PHE B 210 -25.95 -14.34 -15.18
CA PHE B 210 -26.12 -14.16 -13.74
C PHE B 210 -27.51 -13.61 -13.45
N GLN B 211 -28.29 -14.37 -12.69
CA GLN B 211 -29.65 -13.95 -12.35
C GLN B 211 -29.96 -14.14 -10.88
N ILE B 212 -30.57 -13.11 -10.29
CA ILE B 212 -30.95 -13.13 -8.88
C ILE B 212 -32.46 -12.91 -8.79
N GLU B 213 -33.21 -14.00 -8.69
CA GLU B 213 -34.67 -13.92 -8.62
C GLU B 213 -35.18 -13.92 -7.19
N VAL B 214 -36.37 -13.35 -7.01
CA VAL B 214 -37.00 -13.29 -5.70
C VAL B 214 -37.63 -14.65 -5.40
N LEU B 215 -37.39 -15.15 -4.20
CA LEU B 215 -37.95 -16.44 -3.80
C LEU B 215 -39.10 -16.18 -2.84
N ASN B 216 -38.87 -15.29 -1.89
CA ASN B 216 -39.88 -14.91 -0.90
C ASN B 216 -39.83 -13.40 -0.66
N ARG B 217 -40.94 -12.72 -0.97
CA ARG B 217 -41.03 -11.27 -0.80
C ARG B 217 -40.39 -10.74 0.48
N LEU B 218 -39.60 -9.69 0.35
CA LEU B 218 -38.94 -9.08 1.50
C LEU B 218 -40.02 -8.54 2.44
N THR B 219 -40.12 -9.16 3.61
CA THR B 219 -41.11 -8.75 4.60
C THR B 219 -40.57 -7.62 5.48
N TYR B 220 -41.48 -6.87 6.10
CA TYR B 220 -41.08 -5.76 6.95
C TYR B 220 -42.19 -5.42 7.95
N ASN B 221 -41.99 -4.34 8.69
CA ASN B 221 -42.98 -3.88 9.67
C ASN B 221 -43.01 -2.36 9.74
N SER B 222 -43.84 -1.83 10.62
CA SER B 222 -44.01 -0.39 10.78
C SER B 222 -42.72 0.43 10.85
N SER B 223 -41.70 -0.09 11.53
CA SER B 223 -40.44 0.64 11.65
C SER B 223 -39.25 0.10 10.84
N SER B 224 -39.53 -0.73 9.84
CA SER B 224 -38.47 -1.28 9.00
C SER B 224 -38.69 -0.95 7.52
N PRO B 225 -37.61 -0.87 6.72
CA PRO B 225 -37.70 -0.56 5.30
C PRO B 225 -38.44 -1.60 4.46
N SER B 226 -39.15 -1.13 3.43
CA SER B 226 -39.91 -2.00 2.55
C SER B 226 -39.06 -2.46 1.36
N GLU B 227 -37.83 -1.97 1.31
CA GLU B 227 -36.90 -2.32 0.24
C GLU B 227 -35.48 -2.01 0.71
N VAL B 228 -34.53 -2.86 0.34
CA VAL B 228 -33.15 -2.69 0.75
C VAL B 228 -32.16 -2.62 -0.42
N TYR B 229 -30.92 -2.26 -0.11
CA TYR B 229 -29.88 -2.15 -1.12
C TYR B 229 -29.02 -3.41 -1.16
N CYS B 230 -28.53 -3.75 -2.35
CA CYS B 230 -27.71 -4.93 -2.53
C CYS B 230 -26.43 -4.60 -3.30
N ILE B 231 -25.37 -5.34 -3.01
CA ILE B 231 -24.08 -5.14 -3.67
C ILE B 231 -23.50 -6.48 -4.13
N VAL B 232 -23.04 -6.51 -5.37
CA VAL B 232 -22.46 -7.73 -5.93
C VAL B 232 -20.97 -7.56 -6.20
N GLN B 233 -20.17 -8.39 -5.54
CA GLN B 233 -18.72 -8.34 -5.71
C GLN B 233 -18.23 -9.58 -6.45
N GLY B 234 -17.04 -9.49 -7.02
CA GLY B 234 -16.49 -10.62 -7.74
C GLY B 234 -14.99 -10.74 -7.60
N LYS B 235 -14.51 -11.97 -7.50
CA LYS B 235 -13.11 -12.28 -7.30
C LYS B 235 -12.77 -13.64 -7.89
N MET B 236 -11.47 -13.94 -7.99
CA MET B 236 -11.04 -15.21 -8.55
C MET B 236 -10.90 -16.26 -7.45
N GLY B 237 -11.05 -17.53 -7.83
CA GLY B 237 -10.92 -18.61 -6.87
C GLY B 237 -9.49 -18.88 -6.49
N GLN B 238 -9.27 -19.74 -5.50
CA GLN B 238 -7.93 -20.07 -5.05
C GLN B 238 -7.15 -20.84 -6.12
N ASP B 239 -7.85 -21.29 -7.15
CA ASP B 239 -7.23 -22.02 -8.25
C ASP B 239 -7.07 -21.14 -9.48
N ALA B 240 -7.37 -19.85 -9.31
CA ALA B 240 -7.27 -18.90 -10.40
C ALA B 240 -5.85 -18.79 -10.94
N ARG B 241 -5.75 -18.55 -12.24
CA ARG B 241 -4.48 -18.42 -12.93
C ARG B 241 -4.70 -17.55 -14.17
N PHE B 242 -3.64 -16.89 -14.61
CA PHE B 242 -3.67 -16.05 -15.79
C PHE B 242 -2.46 -16.53 -16.58
N PHE B 243 -2.48 -16.43 -17.90
CA PHE B 243 -1.36 -17.00 -18.63
C PHE B 243 -0.51 -16.17 -19.56
N CYS B 244 -1.11 -15.73 -20.65
CA CYS B 244 -0.33 -14.95 -21.57
C CYS B 244 -0.60 -13.49 -21.43
N PRO B 245 0.45 -12.69 -21.44
CA PRO B 245 0.19 -11.26 -21.33
C PRO B 245 -0.02 -10.80 -22.75
N THR B 246 -1.03 -9.98 -22.98
CA THR B 246 -1.31 -9.49 -24.32
C THR B 246 -1.34 -7.98 -24.34
N GLY B 247 -1.67 -7.41 -25.49
CA GLY B 247 -1.72 -5.96 -25.60
C GLY B 247 -2.85 -5.43 -24.74
N SER B 248 -3.08 -4.13 -24.81
CA SER B 248 -4.14 -3.51 -24.04
C SER B 248 -5.34 -3.18 -24.90
N VAL B 249 -6.52 -3.26 -24.30
CA VAL B 249 -7.77 -2.98 -24.98
C VAL B 249 -8.38 -1.69 -24.46
N VAL B 250 -7.79 -1.15 -23.41
CA VAL B 250 -8.26 0.09 -22.80
C VAL B 250 -7.12 0.81 -22.10
N THR B 251 -7.31 2.09 -21.81
CA THR B 251 -6.28 2.88 -21.14
C THR B 251 -6.79 3.39 -19.80
N PHE B 252 -6.07 3.07 -18.73
CA PHE B 252 -6.44 3.49 -17.39
C PHE B 252 -5.99 4.92 -17.10
N GLN B 253 -6.28 5.39 -15.90
CA GLN B 253 -5.92 6.74 -15.49
C GLN B 253 -5.49 6.79 -14.02
N VAL C 32 63.44 16.09 41.60
CA VAL C 32 62.77 16.10 42.88
C VAL C 32 62.41 17.51 43.32
N GLY C 33 61.34 17.63 44.10
CA GLY C 33 60.86 18.91 44.59
C GLY C 33 59.88 19.40 43.56
N ASN C 34 58.94 20.27 43.89
CA ASN C 34 58.67 20.81 45.23
C ASN C 34 57.72 19.93 46.04
N GLU C 35 57.34 18.80 45.46
CA GLU C 35 56.47 17.78 46.02
C GLU C 35 57.09 17.18 47.27
N ILE C 36 58.40 17.00 47.25
CA ILE C 36 59.12 16.42 48.36
C ILE C 36 59.43 17.48 49.40
N GLY C 37 58.71 17.43 50.51
CA GLY C 37 58.90 18.35 51.61
C GLY C 37 58.21 17.82 52.83
N GLY C 38 57.06 17.21 52.64
CA GLY C 38 56.34 16.67 53.76
C GLY C 38 57.21 15.61 54.37
N ASN C 39 57.83 14.79 53.52
CA ASN C 39 58.71 13.75 53.99
C ASN C 39 59.99 14.19 54.66
N LEU C 40 60.68 15.18 54.09
CA LEU C 40 61.92 15.64 54.71
C LEU C 40 61.72 16.30 56.06
N LEU C 41 60.71 17.17 56.13
CA LEU C 41 60.41 17.88 57.36
C LEU C 41 59.87 16.91 58.38
N THR C 42 59.01 16.02 57.91
CA THR C 42 58.39 15.00 58.73
C THR C 42 59.46 14.04 59.24
N LYS C 43 60.46 13.79 58.39
CA LYS C 43 61.55 12.89 58.74
C LYS C 43 62.59 13.55 59.63
N VAL C 44 63.05 14.73 59.22
CA VAL C 44 64.07 15.44 59.97
C VAL C 44 63.51 15.67 61.35
N ALA C 45 62.23 15.98 61.42
CA ALA C 45 61.58 16.18 62.69
C ALA C 45 61.68 14.87 63.41
N ASP C 46 61.48 13.80 62.66
CA ASP C 46 61.52 12.45 63.17
C ASP C 46 62.86 12.01 63.73
N ASP C 47 63.94 12.34 63.04
CA ASP C 47 65.28 11.94 63.44
C ASP C 47 65.80 12.52 64.75
N ALA C 48 65.51 13.80 64.99
CA ALA C 48 65.96 14.48 66.18
C ALA C 48 65.01 14.32 67.36
N SER C 49 63.95 13.56 67.15
CA SER C 49 62.95 13.35 68.18
C SER C 49 63.55 12.66 69.39
N ASN C 50 63.10 13.09 70.56
CA ASN C 50 63.56 12.52 71.81
C ASN C 50 62.44 11.78 72.50
N ILE C 51 62.45 11.77 73.82
CA ILE C 51 61.44 11.07 74.59
C ILE C 51 60.04 11.59 74.39
N LEU C 52 59.91 12.91 74.33
CA LEU C 52 58.61 13.54 74.13
C LEU C 52 58.03 13.20 72.78
N GLY C 53 58.89 13.22 71.78
CA GLY C 53 58.49 12.93 70.43
C GLY C 53 58.92 14.00 69.46
N PRO C 54 58.37 13.92 68.20
CA PRO C 54 58.79 14.98 67.28
C PRO C 54 58.16 16.30 67.68
N ASN C 55 58.79 17.40 67.29
CA ASN C 55 58.27 18.73 67.60
C ASN C 55 57.72 19.38 66.34
N CYS C 56 57.52 18.59 65.29
CA CYS C 56 57.00 19.12 64.03
C CYS C 56 56.59 18.04 63.04
N PHE C 57 55.48 18.28 62.35
CA PHE C 57 54.96 17.36 61.35
C PHE C 57 54.59 18.16 60.09
N ALA C 58 55.01 17.68 58.94
CA ALA C 58 54.72 18.36 57.68
C ALA C 58 54.15 17.41 56.64
N THR C 59 53.04 17.79 56.04
CA THR C 59 52.41 16.96 55.02
C THR C 59 52.11 17.77 53.77
N THR C 60 52.47 17.23 52.61
CA THR C 60 52.25 17.91 51.34
C THR C 60 51.34 17.06 50.45
N ALA C 61 50.50 17.73 49.67
CA ALA C 61 49.58 17.04 48.76
C ALA C 61 49.00 18.02 47.75
N GLU C 62 48.05 17.53 46.94
CA GLU C 62 47.41 18.36 45.94
C GLU C 62 46.23 19.14 46.52
N PRO C 63 46.00 20.37 46.01
CA PRO C 63 44.91 21.22 46.48
C PRO C 63 43.55 20.61 46.14
N GLU C 64 42.51 21.00 46.87
CA GLU C 64 41.17 20.49 46.59
C GLU C 64 40.75 20.95 45.20
N ASN C 65 41.15 22.18 44.85
CA ASN C 65 40.83 22.74 43.56
C ASN C 65 41.95 22.39 42.57
N LYS C 66 41.81 21.24 41.93
CA LYS C 66 42.79 20.76 40.97
C LYS C 66 42.46 21.22 39.56
N ASN C 67 43.40 21.00 38.63
CA ASN C 67 43.20 21.39 37.24
C ASN C 67 42.49 20.27 36.48
N VAL C 68 41.17 20.28 36.55
CA VAL C 68 40.37 19.27 35.87
C VAL C 68 39.25 19.89 35.05
N VAL C 69 38.59 19.06 34.25
CA VAL C 69 37.49 19.51 33.40
C VAL C 69 36.31 18.55 33.56
N GLN C 70 35.12 19.12 33.73
CA GLN C 70 33.91 18.33 33.89
C GLN C 70 32.96 18.51 32.72
N ALA C 71 32.29 17.42 32.33
CA ALA C 71 31.35 17.45 31.23
C ALA C 71 30.05 16.77 31.64
N THR C 72 28.92 17.42 31.39
CA THR C 72 27.62 16.87 31.74
C THR C 72 26.68 16.91 30.55
N THR C 73 26.03 15.79 30.28
CA THR C 73 25.10 15.70 29.16
C THR C 73 23.69 15.29 29.54
N THR C 74 22.73 16.11 29.13
CA THR C 74 21.32 15.83 29.38
C THR C 74 20.77 15.55 27.99
N VAL C 75 19.46 15.43 27.87
CA VAL C 75 18.84 15.14 26.57
C VAL C 75 19.25 16.13 25.48
N ASN C 76 20.05 15.66 24.52
CA ASN C 76 20.53 16.48 23.41
C ASN C 76 21.25 17.75 23.85
N THR C 77 21.90 17.68 25.01
CA THR C 77 22.64 18.83 25.52
C THR C 77 23.96 18.38 26.13
N THR C 78 24.95 19.27 26.12
CA THR C 78 26.26 18.96 26.68
C THR C 78 26.85 20.21 27.31
N ASN C 79 27.07 20.16 28.62
CA ASN C 79 27.64 21.28 29.35
C ASN C 79 29.11 21.04 29.65
N LEU C 80 29.96 21.91 29.14
CA LEU C 80 31.40 21.79 29.33
C LEU C 80 31.91 22.86 30.29
N THR C 81 32.47 22.42 31.42
CA THR C 81 33.01 23.32 32.42
C THR C 81 34.46 22.95 32.71
N GLN C 82 35.34 23.95 32.70
CA GLN C 82 36.75 23.70 32.94
C GLN C 82 37.17 24.16 34.34
N HIS C 83 36.21 24.69 35.09
CA HIS C 83 36.46 25.15 36.45
C HIS C 83 35.36 24.63 37.37
N PRO C 84 35.20 23.30 37.44
CA PRO C 84 34.18 22.66 38.28
C PRO C 84 34.44 22.75 39.78
N SER C 85 33.39 22.51 40.55
CA SER C 85 33.46 22.53 42.01
C SER C 85 32.72 21.32 42.54
N ALA C 86 33.07 20.89 43.75
CA ALA C 86 32.42 19.73 44.37
C ALA C 86 30.91 19.87 44.43
N PRO C 87 30.17 18.99 43.74
CA PRO C 87 28.70 19.01 43.72
C PRO C 87 28.14 18.80 45.12
N THR C 88 27.04 19.49 45.43
CA THR C 88 26.42 19.37 46.74
C THR C 88 25.06 18.69 46.69
N MET C 89 24.52 18.39 47.86
CA MET C 89 23.22 17.73 47.97
C MET C 89 22.79 17.68 49.44
N PRO C 90 21.48 17.60 49.71
CA PRO C 90 20.95 17.54 51.08
C PRO C 90 21.46 16.37 51.91
N PHE C 91 21.13 16.36 53.19
CA PHE C 91 21.54 15.29 54.09
C PHE C 91 20.85 13.94 53.81
N SER C 92 21.63 12.89 53.65
CA SER C 92 21.17 11.53 53.42
C SER C 92 19.94 11.53 52.50
N PRO C 93 20.07 12.18 51.36
CA PRO C 93 19.03 12.31 50.35
C PRO C 93 18.54 11.05 49.62
N ASP C 94 17.28 11.11 49.19
CA ASP C 94 16.64 10.01 48.45
C ASP C 94 16.21 10.51 47.07
N PHE C 95 16.92 10.11 46.02
CA PHE C 95 16.60 10.54 44.65
C PHE C 95 15.71 9.59 43.85
N SER C 96 15.12 8.59 44.51
CA SER C 96 14.24 7.66 43.82
C SER C 96 13.06 8.44 43.24
N ASN C 97 12.72 9.54 43.91
CA ASN C 97 11.63 10.41 43.48
C ASN C 97 10.27 9.73 43.36
N VAL C 98 10.18 8.50 43.86
CA VAL C 98 8.91 7.77 43.79
C VAL C 98 8.15 7.85 45.12
N ASP C 99 6.91 8.32 45.06
CA ASP C 99 6.09 8.43 46.25
C ASP C 99 5.63 7.05 46.70
N ASN C 100 6.26 6.55 47.75
CA ASN C 100 5.95 5.22 48.28
C ASN C 100 4.51 5.08 48.77
N PHE C 101 3.82 6.19 48.96
CA PHE C 101 2.44 6.15 49.42
C PHE C 101 1.45 6.18 48.26
N HIS C 102 1.97 6.49 47.07
CA HIS C 102 1.17 6.55 45.86
C HIS C 102 -0.03 7.48 45.97
N SER C 103 0.18 8.66 46.54
CA SER C 103 -0.88 9.67 46.70
C SER C 103 -1.54 9.91 45.34
N MET C 104 -0.88 9.40 44.31
CA MET C 104 -1.38 9.47 42.96
C MET C 104 -1.37 8.03 42.52
N ALA C 105 -2.53 7.40 42.48
CA ALA C 105 -2.58 5.99 42.12
C ALA C 105 -2.64 5.77 40.62
N TYR C 106 -1.54 6.09 39.97
CA TYR C 106 -1.44 5.95 38.53
C TYR C 106 -0.14 5.28 38.17
N ASP C 107 -0.11 4.66 37.01
CA ASP C 107 1.11 4.02 36.55
C ASP C 107 2.12 5.14 36.44
N ILE C 108 3.34 4.87 36.87
CA ILE C 108 4.43 5.83 36.85
C ILE C 108 4.68 6.38 35.45
N THR C 109 4.44 5.56 34.44
CA THR C 109 4.65 5.96 33.05
C THR C 109 3.41 6.55 32.41
N THR C 110 2.46 7.00 33.23
CA THR C 110 1.22 7.59 32.73
C THR C 110 1.49 8.80 31.84
N GLY C 111 2.20 9.77 32.39
CA GLY C 111 2.50 10.97 31.62
C GLY C 111 3.20 10.69 30.31
N ASP C 112 4.08 9.69 30.32
CA ASP C 112 4.84 9.33 29.12
C ASP C 112 3.93 8.80 28.01
N LYS C 113 3.08 7.83 28.36
CA LYS C 113 2.17 7.21 27.40
C LYS C 113 0.94 8.06 27.07
N ASN C 114 0.66 9.06 27.90
CA ASN C 114 -0.49 9.93 27.70
C ASN C 114 -0.77 10.35 26.25
N PRO C 115 0.27 10.80 25.53
CA PRO C 115 0.07 11.21 24.13
C PRO C 115 -0.40 10.13 23.16
N SER C 116 -0.22 8.86 23.53
CA SER C 116 -0.65 7.76 22.68
C SER C 116 -2.10 7.39 22.98
N LYS C 117 -2.65 8.03 24.00
CA LYS C 117 -4.01 7.80 24.44
C LYS C 117 -5.04 7.90 23.32
N LEU C 118 -6.14 7.16 23.47
CA LEU C 118 -7.22 7.17 22.49
C LEU C 118 -7.95 8.49 22.58
N VAL C 119 -8.28 9.08 21.43
CA VAL C 119 -8.98 10.35 21.42
C VAL C 119 -10.01 10.45 20.30
N ARG C 120 -10.95 11.38 20.44
CA ARG C 120 -11.99 11.59 19.44
C ARG C 120 -11.42 12.47 18.34
N LEU C 121 -11.24 11.88 17.16
CA LEU C 121 -10.68 12.60 16.02
C LEU C 121 -11.73 13.33 15.19
N GLU C 122 -12.94 12.77 15.12
CA GLU C 122 -14.00 13.40 14.34
C GLU C 122 -15.39 12.84 14.65
N THR C 123 -16.40 13.63 14.31
CA THR C 123 -17.81 13.25 14.43
C THR C 123 -18.62 13.91 13.31
N HIS C 124 -19.54 13.19 12.68
CA HIS C 124 -20.36 13.75 11.61
C HIS C 124 -21.67 12.97 11.53
N GLU C 125 -22.66 13.69 11.03
CA GLU C 125 -23.99 13.18 10.93
C GLU C 125 -24.23 12.85 9.50
N TRP C 126 -24.40 11.56 9.26
CA TRP C 126 -24.66 11.05 7.95
C TRP C 126 -26.03 11.56 7.61
N THR C 127 -26.22 11.99 6.38
CA THR C 127 -27.51 12.49 5.95
C THR C 127 -28.12 11.38 5.13
N PRO C 128 -29.42 11.07 5.43
CA PRO C 128 -29.98 9.94 4.68
C PRO C 128 -30.00 10.06 3.16
N SER C 129 -30.16 11.27 2.65
CA SER C 129 -30.25 11.48 1.20
C SER C 129 -29.04 11.09 0.36
N TRP C 130 -27.88 11.05 1.01
CA TRP C 130 -26.61 10.80 0.37
C TRP C 130 -26.50 9.51 -0.42
N ALA C 131 -25.94 9.67 -1.62
CA ALA C 131 -25.75 8.61 -2.58
C ALA C 131 -24.59 7.71 -2.26
N ARG C 132 -24.57 6.56 -2.91
CA ARG C 132 -23.52 5.60 -2.71
C ARG C 132 -22.20 6.19 -3.15
N GLY C 133 -21.15 5.90 -2.39
CA GLY C 133 -19.83 6.39 -2.71
C GLY C 133 -19.55 7.80 -2.23
N TYR C 134 -20.53 8.41 -1.58
CA TYR C 134 -20.34 9.75 -1.08
C TYR C 134 -19.42 9.71 0.10
N GLN C 135 -18.58 10.73 0.26
CA GLN C 135 -17.69 10.77 1.41
C GLN C 135 -18.37 11.37 2.62
N ILE C 136 -18.58 10.56 3.65
CA ILE C 136 -19.22 11.01 4.88
C ILE C 136 -18.32 12.00 5.60
N THR C 137 -17.16 11.52 6.03
CA THR C 137 -16.20 12.33 6.77
C THR C 137 -14.79 11.79 6.60
N HIS C 138 -13.79 12.64 6.86
CA HIS C 138 -12.39 12.30 6.69
C HIS C 138 -11.53 12.96 7.74
N VAL C 139 -10.37 12.39 8.04
CA VAL C 139 -9.49 13.01 9.01
C VAL C 139 -8.03 13.14 8.57
N GLU C 140 -7.47 14.33 8.64
CA GLU C 140 -6.11 14.47 8.21
C GLU C 140 -5.25 13.66 9.14
N LEU C 141 -4.48 12.79 8.54
CA LEU C 141 -3.53 11.92 9.22
C LEU C 141 -2.13 12.40 8.85
N PRO C 142 -1.23 12.51 9.84
CA PRO C 142 -1.42 12.23 11.27
C PRO C 142 -1.64 13.49 12.10
N LYS C 143 -1.57 14.66 11.45
CA LYS C 143 -1.73 15.93 12.15
C LYS C 143 -3.03 16.12 12.91
N VAL C 144 -3.97 15.20 12.74
CA VAL C 144 -5.26 15.31 13.44
C VAL C 144 -5.13 15.02 14.92
N PHE C 145 -4.14 14.22 15.30
CA PHE C 145 -3.95 13.89 16.71
C PHE C 145 -3.47 15.10 17.50
N TRP C 146 -3.19 16.19 16.78
CA TRP C 146 -2.73 17.44 17.39
C TRP C 146 -3.70 18.49 16.88
N ASP C 147 -4.90 18.02 16.54
CA ASP C 147 -5.99 18.83 16.01
C ASP C 147 -6.26 20.12 16.79
N HIS C 148 -6.25 20.01 18.10
CA HIS C 148 -6.50 21.16 18.97
C HIS C 148 -5.48 21.11 20.10
N GLN C 149 -5.30 22.21 20.80
CA GLN C 149 -4.36 22.27 21.90
C GLN C 149 -4.88 21.45 23.09
N ASP C 150 -6.03 20.81 22.90
CA ASP C 150 -6.62 19.99 23.96
C ASP C 150 -6.38 18.51 23.69
N LYS C 151 -5.47 18.21 22.78
CA LYS C 151 -5.15 16.83 22.45
C LYS C 151 -3.92 16.40 23.25
N PRO C 152 -4.02 15.26 23.95
CA PRO C 152 -2.91 14.73 24.77
C PRO C 152 -1.56 14.76 24.06
N ALA C 153 -1.56 14.50 22.76
CA ALA C 153 -0.32 14.48 21.97
C ALA C 153 0.09 15.85 21.45
N TYR C 154 -0.82 16.83 21.52
CA TYR C 154 -0.53 18.18 21.05
C TYR C 154 0.72 18.76 21.72
N GLY C 155 0.87 18.50 23.02
CA GLY C 155 2.01 19.02 23.75
C GLY C 155 3.35 18.70 23.12
N GLN C 156 3.72 17.43 23.12
CA GLN C 156 4.99 16.99 22.56
C GLN C 156 5.13 17.27 21.07
N SER C 157 4.09 16.95 20.31
CA SER C 157 4.09 17.16 18.86
C SER C 157 4.66 18.51 18.45
N ARG C 158 4.54 19.49 19.31
CA ARG C 158 5.05 20.82 19.07
C ARG C 158 6.57 20.95 19.04
N TYR C 159 7.25 20.12 19.82
CA TYR C 159 8.69 20.23 19.99
C TYR C 159 9.48 19.32 19.05
N PHE C 160 8.80 18.71 18.09
CA PHE C 160 9.45 17.82 17.15
C PHE C 160 8.88 17.97 15.74
N ALA C 161 9.76 17.92 14.74
CA ALA C 161 9.34 18.08 13.36
C ALA C 161 9.13 16.75 12.64
N ALA C 162 9.76 15.68 13.13
CA ALA C 162 9.63 14.37 12.52
C ALA C 162 8.77 13.42 13.33
N VAL C 163 8.02 12.57 12.64
CA VAL C 163 7.15 11.59 13.30
C VAL C 163 7.08 10.27 12.55
N ARG C 164 7.01 9.19 13.31
CA ARG C 164 6.90 7.83 12.79
C ARG C 164 6.02 7.10 13.78
N CYS C 165 4.79 6.80 13.39
CA CYS C 165 3.86 6.13 14.28
C CYS C 165 2.86 5.17 13.66
N GLY C 166 2.25 4.35 14.50
CA GLY C 166 1.25 3.39 14.07
C GLY C 166 -0.09 3.83 14.62
N PHE C 167 -1.17 3.45 13.95
CA PHE C 167 -2.50 3.85 14.37
C PHE C 167 -3.44 2.70 14.71
N HIS C 168 -4.48 3.02 15.47
CA HIS C 168 -5.50 2.07 15.87
C HIS C 168 -6.81 2.85 15.90
N PHE C 169 -7.54 2.81 14.79
CA PHE C 169 -8.79 3.55 14.68
C PHE C 169 -10.00 2.73 15.13
N GLN C 170 -11.04 3.45 15.54
CA GLN C 170 -12.28 2.82 15.99
C GLN C 170 -13.45 3.69 15.56
N VAL C 171 -13.88 3.52 14.32
CA VAL C 171 -15.00 4.29 13.78
C VAL C 171 -16.31 3.73 14.34
N GLN C 172 -17.04 4.58 15.05
CA GLN C 172 -18.30 4.18 15.66
C GLN C 172 -19.51 4.81 15.00
N VAL C 173 -20.49 3.98 14.67
CA VAL C 173 -21.74 4.44 14.05
C VAL C 173 -22.90 3.65 14.64
N ASN C 174 -23.77 4.34 15.36
CA ASN C 174 -24.91 3.69 15.98
C ASN C 174 -26.23 4.01 15.30
N VAL C 175 -27.03 2.97 15.07
CA VAL C 175 -28.33 3.12 14.41
C VAL C 175 -29.32 2.11 14.98
N ASN C 176 -30.54 2.56 15.27
CA ASN C 176 -31.57 1.69 15.83
C ASN C 176 -31.75 0.46 14.93
N GLN C 177 -32.37 -0.58 15.48
CA GLN C 177 -32.59 -1.81 14.74
C GLN C 177 -33.48 -1.64 13.52
N GLY C 178 -34.51 -0.81 13.65
CA GLY C 178 -35.43 -0.59 12.54
C GLY C 178 -34.76 -0.15 11.26
N THR C 179 -33.75 0.70 11.38
CA THR C 179 -33.03 1.23 10.22
C THR C 179 -31.94 0.28 9.73
N ALA C 180 -31.45 0.52 8.51
CA ALA C 180 -30.41 -0.28 7.91
C ALA C 180 -29.48 0.59 7.06
N GLY C 181 -28.39 -0.01 6.57
CA GLY C 181 -27.44 0.72 5.76
C GLY C 181 -26.03 0.18 5.94
N SER C 182 -25.07 0.75 5.21
CA SER C 182 -23.68 0.30 5.32
C SER C 182 -22.72 1.39 4.91
N ALA C 183 -21.61 1.49 5.65
CA ALA C 183 -20.59 2.50 5.38
C ALA C 183 -19.23 1.85 5.17
N LEU C 184 -18.39 2.50 4.38
CA LEU C 184 -17.05 1.99 4.10
C LEU C 184 -15.97 2.77 4.83
N VAL C 185 -15.42 2.18 5.87
CA VAL C 185 -14.35 2.81 6.63
C VAL C 185 -13.04 2.30 6.04
N VAL C 186 -12.30 3.18 5.38
CA VAL C 186 -11.05 2.78 4.76
C VAL C 186 -9.91 3.78 4.96
N TYR C 187 -8.69 3.25 5.06
CA TYR C 187 -7.50 4.06 5.23
C TYR C 187 -6.89 4.35 3.87
N GLU C 188 -6.65 5.64 3.58
CA GLU C 188 -6.08 6.04 2.32
C GLU C 188 -4.73 6.75 2.46
N PRO C 189 -3.64 6.07 2.12
CA PRO C 189 -2.31 6.68 2.23
C PRO C 189 -2.26 7.90 1.31
N LYS C 190 -1.22 8.73 1.49
CA LYS C 190 -1.09 9.92 0.66
C LYS C 190 -1.25 9.57 -0.83
N PRO C 191 -0.64 8.46 -1.28
CA PRO C 191 -0.76 8.06 -2.69
C PRO C 191 -2.21 8.01 -3.16
N VAL C 192 -3.07 7.38 -2.35
CA VAL C 192 -4.48 7.25 -2.67
C VAL C 192 -5.17 8.61 -2.62
N VAL C 193 -4.97 9.32 -1.52
CA VAL C 193 -5.58 10.64 -1.34
C VAL C 193 -5.24 11.56 -2.50
N THR C 194 -3.99 11.48 -2.97
CA THR C 194 -3.51 12.30 -4.07
C THR C 194 -4.32 12.01 -5.32
N TYR C 195 -4.29 10.75 -5.74
CA TYR C 195 -5.02 10.30 -6.91
C TYR C 195 -6.21 9.52 -6.36
N ASP C 196 -7.25 10.24 -6.01
CA ASP C 196 -8.46 9.64 -5.45
C ASP C 196 -9.48 9.48 -6.56
N SER C 197 -9.61 10.53 -7.37
CA SER C 197 -10.56 10.54 -8.48
C SER C 197 -10.19 9.55 -9.57
N LYS C 198 -8.92 9.17 -9.62
CA LYS C 198 -8.45 8.22 -10.63
C LYS C 198 -8.70 6.77 -10.23
N LEU C 199 -9.13 6.56 -8.99
CA LEU C 199 -9.40 5.23 -8.49
C LEU C 199 -10.87 4.85 -8.55
N GLU C 200 -11.13 3.58 -8.85
CA GLU C 200 -12.49 3.07 -8.96
C GLU C 200 -13.08 2.67 -7.62
N PHE C 201 -14.15 3.33 -7.21
CA PHE C 201 -14.82 3.01 -5.96
C PHE C 201 -15.37 1.61 -6.11
N GLY C 202 -15.38 0.85 -5.01
CA GLY C 202 -15.87 -0.51 -5.08
C GLY C 202 -14.66 -1.43 -5.13
N ALA C 203 -13.50 -0.81 -5.32
CA ALA C 203 -12.23 -1.51 -5.37
C ALA C 203 -11.43 -1.07 -4.16
N PHE C 204 -11.94 -0.04 -3.48
CA PHE C 204 -11.30 0.49 -2.29
C PHE C 204 -11.20 -0.58 -1.21
N THR C 205 -11.85 -1.72 -1.46
CA THR C 205 -11.83 -2.82 -0.51
C THR C 205 -10.44 -3.45 -0.51
N ASN C 206 -9.57 -2.96 -1.37
CA ASN C 206 -8.21 -3.47 -1.46
C ASN C 206 -7.36 -2.83 -0.37
N LEU C 207 -7.84 -1.70 0.14
CA LEU C 207 -7.14 -0.97 1.21
C LEU C 207 -7.68 -1.43 2.55
N PRO C 208 -6.89 -1.28 3.62
CA PRO C 208 -7.35 -1.69 4.94
C PRO C 208 -8.69 -1.01 5.19
N HIS C 209 -9.75 -1.79 5.20
CA HIS C 209 -11.08 -1.22 5.38
C HIS C 209 -11.96 -2.09 6.26
N VAL C 210 -13.20 -1.65 6.38
CA VAL C 210 -14.18 -2.36 7.16
C VAL C 210 -15.56 -2.09 6.61
N LEU C 211 -16.00 -2.89 5.65
CA LEU C 211 -17.34 -2.69 5.18
C LEU C 211 -18.08 -3.09 6.43
N MET C 212 -18.77 -2.13 7.03
CA MET C 212 -19.50 -2.40 8.23
C MET C 212 -20.98 -2.18 7.97
N ASN C 213 -21.74 -3.26 8.10
CA ASN C 213 -23.17 -3.23 7.85
C ASN C 213 -23.92 -2.74 9.08
N LEU C 214 -24.52 -1.57 8.98
CA LEU C 214 -25.27 -1.00 10.09
C LEU C 214 -26.29 -2.02 10.57
N ALA C 215 -26.87 -1.78 11.74
CA ALA C 215 -27.86 -2.69 12.31
C ALA C 215 -27.22 -4.03 12.62
N GLU C 216 -25.91 -4.12 12.42
CA GLU C 216 -25.16 -5.34 12.68
C GLU C 216 -23.92 -5.05 13.52
N THR C 217 -23.20 -3.99 13.13
CA THR C 217 -22.00 -3.58 13.84
C THR C 217 -22.12 -2.10 14.19
N THR C 218 -21.68 -1.73 15.38
CA THR C 218 -21.75 -0.34 15.82
C THR C 218 -20.38 0.32 15.84
N GLN C 219 -19.34 -0.50 15.64
CA GLN C 219 -17.97 0.01 15.64
C GLN C 219 -17.06 -0.81 14.74
N ALA C 220 -16.08 -0.15 14.15
CA ALA C 220 -15.11 -0.80 13.28
C ALA C 220 -13.71 -0.59 13.84
N ASP C 221 -12.86 -1.60 13.71
CA ASP C 221 -11.49 -1.50 14.22
C ASP C 221 -10.47 -1.60 13.09
N LEU C 222 -9.53 -0.67 13.09
CA LEU C 222 -8.49 -0.64 12.06
C LEU C 222 -7.11 -0.37 12.63
N CYS C 223 -6.21 -1.34 12.45
CA CYS C 223 -4.83 -1.21 12.93
C CYS C 223 -3.96 -0.86 11.73
N ILE C 224 -3.49 0.39 11.68
CA ILE C 224 -2.68 0.85 10.57
C ILE C 224 -1.25 1.22 10.97
N PRO C 225 -0.25 0.53 10.40
CA PRO C 225 1.16 0.79 10.70
C PRO C 225 1.65 2.00 9.91
N TYR C 226 2.88 2.43 10.18
CA TYR C 226 3.45 3.57 9.47
C TYR C 226 3.57 3.24 7.99
N VAL C 227 2.84 3.97 7.15
CA VAL C 227 2.88 3.75 5.71
C VAL C 227 3.17 5.04 4.95
N ALA C 228 4.33 5.09 4.30
CA ALA C 228 4.73 6.25 3.53
C ALA C 228 5.92 5.87 2.64
N ASP C 229 6.28 6.76 1.73
CA ASP C 229 7.40 6.51 0.83
C ASP C 229 8.66 7.16 1.39
N THR C 230 8.56 7.63 2.63
CA THR C 230 9.67 8.26 3.34
C THR C 230 9.74 7.68 4.74
N ASN C 231 10.96 7.50 5.24
CA ASN C 231 11.17 6.94 6.57
C ASN C 231 10.39 7.69 7.65
N TYR C 232 10.39 9.02 7.57
CA TYR C 232 9.67 9.84 8.53
C TYR C 232 8.75 10.85 7.84
N VAL C 233 7.69 11.23 8.54
CA VAL C 233 6.73 12.19 8.01
C VAL C 233 6.80 13.49 8.81
N LYS C 234 6.70 14.60 8.11
CA LYS C 234 6.78 15.88 8.75
C LYS C 234 5.63 16.01 9.73
N THR C 235 5.92 16.46 10.93
CA THR C 235 4.88 16.68 11.94
C THR C 235 3.97 17.80 11.44
N ASP C 236 2.69 17.70 11.77
CA ASP C 236 1.71 18.70 11.36
C ASP C 236 1.52 18.67 9.85
N SER C 237 1.49 17.45 9.31
CA SER C 237 1.32 17.17 7.90
C SER C 237 0.34 16.02 7.66
N SER C 238 -0.19 15.94 6.45
CA SER C 238 -1.15 14.91 6.08
C SER C 238 -0.50 13.78 5.28
N ASP C 239 0.82 13.73 5.29
CA ASP C 239 1.60 12.77 4.51
C ASP C 239 1.36 11.32 4.86
N LEU C 240 0.85 11.06 6.06
CA LEU C 240 0.60 9.69 6.46
C LEU C 240 -0.69 9.18 5.84
N GLY C 241 -1.34 10.06 5.09
CA GLY C 241 -2.58 9.72 4.43
C GLY C 241 -3.71 10.10 5.35
N GLN C 242 -4.93 9.76 4.98
CA GLN C 242 -6.04 10.09 5.84
C GLN C 242 -7.09 9.02 5.88
N LEU C 243 -7.72 8.84 7.04
CA LEU C 243 -8.81 7.87 7.14
C LEU C 243 -10.12 8.51 6.70
N LYS C 244 -10.89 7.77 5.89
CA LYS C 244 -12.16 8.27 5.39
C LYS C 244 -13.30 7.29 5.65
N VAL C 245 -14.53 7.80 5.51
CA VAL C 245 -15.73 7.00 5.69
C VAL C 245 -16.69 7.33 4.55
N TYR C 246 -16.98 6.33 3.72
CA TYR C 246 -17.86 6.52 2.59
C TYR C 246 -19.22 5.86 2.77
N VAL C 247 -20.12 6.11 1.83
CA VAL C 247 -21.46 5.54 1.85
C VAL C 247 -21.49 4.31 0.96
N TRP C 248 -21.40 3.13 1.56
CA TRP C 248 -21.44 1.90 0.77
C TRP C 248 -22.83 1.81 0.16
N THR C 249 -23.84 1.87 1.01
CA THR C 249 -25.23 1.83 0.59
C THR C 249 -25.96 2.82 1.49
N PRO C 250 -26.63 3.81 0.89
CA PRO C 250 -27.37 4.83 1.64
C PRO C 250 -28.26 4.29 2.77
N LEU C 251 -28.52 5.15 3.74
CA LEU C 251 -29.35 4.78 4.88
C LEU C 251 -30.82 4.60 4.52
N SER C 252 -31.37 3.45 4.88
CA SER C 252 -32.78 3.15 4.62
C SER C 252 -33.50 3.34 5.95
N ILE C 253 -33.88 4.59 6.23
CA ILE C 253 -34.56 4.93 7.47
C ILE C 253 -36.09 4.91 7.34
N PRO C 254 -36.74 3.97 8.04
CA PRO C 254 -38.19 3.85 8.00
C PRO C 254 -38.86 5.17 8.41
N THR C 255 -40.17 5.23 8.24
CA THR C 255 -40.92 6.45 8.57
C THR C 255 -40.71 6.95 10.00
N GLY C 256 -41.12 6.15 10.98
CA GLY C 256 -40.98 6.55 12.37
C GLY C 256 -39.56 6.62 12.93
N SER C 257 -38.69 5.74 12.43
CA SER C 257 -37.31 5.70 12.89
C SER C 257 -36.62 7.06 12.87
N ALA C 258 -35.60 7.21 13.71
CA ALA C 258 -34.83 8.46 13.80
C ALA C 258 -34.09 8.70 12.49
N ASN C 259 -33.69 9.94 12.24
CA ASN C 259 -32.99 10.28 11.01
C ASN C 259 -31.66 11.02 11.20
N GLN C 260 -31.15 11.04 12.43
CA GLN C 260 -29.90 11.72 12.69
C GLN C 260 -28.82 10.75 13.15
N VAL C 261 -28.14 10.12 12.19
CA VAL C 261 -27.08 9.17 12.49
C VAL C 261 -25.74 9.88 12.51
N ASP C 262 -24.99 9.70 13.60
CA ASP C 262 -23.68 10.34 13.73
C ASP C 262 -22.55 9.34 13.55
N VAL C 263 -21.53 9.74 12.82
CA VAL C 263 -20.36 8.90 12.57
C VAL C 263 -19.18 9.51 13.33
N THR C 264 -18.58 8.71 14.21
CA THR C 264 -17.46 9.20 15.00
C THR C 264 -16.19 8.41 14.74
N ILE C 265 -15.06 9.11 14.68
CA ILE C 265 -13.77 8.49 14.43
C ILE C 265 -12.84 8.68 15.63
N LEU C 266 -12.45 7.57 16.25
CA LEU C 266 -11.55 7.61 17.39
C LEU C 266 -10.18 7.11 16.97
N GLY C 267 -9.13 7.64 17.58
CA GLY C 267 -7.79 7.22 17.22
C GLY C 267 -6.83 7.02 18.38
N SER C 268 -6.03 5.98 18.28
CA SER C 268 -5.03 5.66 19.29
C SER C 268 -3.71 5.39 18.57
N LEU C 269 -2.60 5.70 19.23
CA LEU C 269 -1.29 5.48 18.64
C LEU C 269 -0.65 4.21 19.15
N LEU C 270 -0.68 3.16 18.33
CA LEU C 270 -0.09 1.88 18.70
C LEU C 270 1.36 2.11 19.11
N GLN C 271 2.03 3.00 18.40
CA GLN C 271 3.42 3.33 18.69
C GLN C 271 3.71 4.72 18.12
N LEU C 272 4.33 5.57 18.93
CA LEU C 272 4.66 6.93 18.53
C LEU C 272 6.16 7.21 18.61
N ASP C 273 6.65 8.10 17.76
CA ASP C 273 8.08 8.43 17.73
C ASP C 273 8.39 9.82 17.16
N PHE C 274 8.72 10.76 18.05
CA PHE C 274 9.07 12.14 17.68
C PHE C 274 10.58 12.30 17.73
N GLN C 275 11.21 12.61 16.59
CA GLN C 275 12.67 12.72 16.61
C GLN C 275 13.32 14.10 16.42
N ASN C 276 13.11 14.70 15.25
CA ASN C 276 13.71 15.99 14.96
C ASN C 276 13.29 17.11 15.92
N PRO C 277 14.27 17.77 16.57
CA PRO C 277 13.93 18.85 17.49
C PRO C 277 13.68 20.10 16.65
N ARG C 278 12.89 21.03 17.17
CA ARG C 278 12.59 22.24 16.43
C ARG C 278 11.94 23.27 17.35
N VAL C 279 11.87 24.51 16.90
CA VAL C 279 11.25 25.56 17.69
C VAL C 279 9.79 25.16 17.88
N PHE C 280 9.08 25.92 18.71
CA PHE C 280 7.68 25.63 18.99
C PHE C 280 6.78 25.76 17.76
N ALA C 281 6.18 24.63 17.37
CA ALA C 281 5.28 24.58 16.23
C ALA C 281 5.72 25.34 14.99
N GLN C 282 7.00 25.21 14.63
CA GLN C 282 7.51 25.89 13.45
C GLN C 282 7.66 24.93 12.28
N ASP C 283 7.06 25.27 11.15
CA ASP C 283 7.12 24.43 9.96
C ASP C 283 8.55 24.14 9.56
N VAL C 284 8.93 22.86 9.63
CA VAL C 284 10.28 22.43 9.27
C VAL C 284 10.14 21.39 8.15
N ASN C 285 11.02 21.49 7.16
CA ASN C 285 10.99 20.56 6.03
C ASN C 285 11.97 19.40 6.18
N ILE C 286 11.43 18.21 6.44
CA ILE C 286 12.26 17.02 6.59
C ILE C 286 12.50 16.44 5.21
N TYR C 287 11.68 16.87 4.25
CA TYR C 287 11.77 16.40 2.87
C TYR C 287 12.70 17.25 2.01
N ASP C 288 13.07 16.71 0.85
CA ASP C 288 13.93 17.41 -0.09
C ASP C 288 13.10 18.09 -1.18
#